data_9C94
#
_entry.id   9C94
#
_cell.length_a   56.758
_cell.length_b   87.476
_cell.length_c   194.610
_cell.angle_alpha   90.000
_cell.angle_beta   90.000
_cell.angle_gamma   90.000
#
_symmetry.space_group_name_H-M   'P 21 21 21'
#
loop_
_entity.id
_entity.type
_entity.pdbx_description
1 polymer Menin
2 non-polymer {5-fluoro-2-[(5-{7-[(1-methylcyclopropyl)methyl]-2,7-diazaspiro[3.5]nonan-2-yl}-1,2,4-triazin-6-yl)oxy]phenyl}[(1R,5S)-3-oxa-8-azabicyclo[3.2.1]octan-8-yl]methanone
3 water water
#
_entity_poly.entity_id   1
_entity_poly.type   'polypeptide(L)'
_entity_poly.pdbx_seq_one_letter_code
;MHHHHHHSSGRENLYFQGSGLKTAQKTLFPLRSIDDVVRLFAAELGREEPDLVLLSLVLGFVEHFLAVNRVIPTNVPELT
FQPSPAPDPPGGLTYFPVADLSIIAALYARFTAQIRGAVDLSLYPREGGVSSRELVKKVSDVIWNSLSRSYFKDRAHIQS
LFSFITGTKLDSSGVAFAVVGACQALGLRDVHLALSEDHAWVVFGPNGEQTAEVTWHGKGNEDRRGQTVNAGVAERSWLY
LKGSYMRCDRKMEVAFMVCAINPSIDLHTDSLELLQLQQKLLWLLYDLGHLERYPMALGNLADLEELEPTPGRPDPLTLY
HKGIASAKTYYRDEHIYPYMYLAGYHCRNRNVREALQAWADTATVIQDYNYCREDEEIYKEFFEVANDVIPNLLKEAASL
LEAGEERPGEQSQGTQSQGSALQDPECFAHLLRFYDGICKWEEGSPTPVLHVGWATFLVQSLGRFEGQVRQKVRITFQSE
KMKGMKELLVATKINSSAIKLQLTAQS
;
_entity_poly.pdbx_strand_id   A,B
#
loop_
_chem_comp.id
_chem_comp.type
_chem_comp.name
_chem_comp.formula
A1AVG non-polymer {5-fluoro-2-[(5-{7-[(1-methylcyclopropyl)methyl]-2,7-diazaspiro[3.5]nonan-2-yl}-1,2,4-triazin-6-yl)oxy]phenyl}[(1R,5S)-3-oxa-8-azabicyclo[3.2.1]octan-8-yl]methanone 'C28 H35 F N6 O3'
#
# COMPACT_ATOMS: atom_id res chain seq x y z
N GLY A 20 35.46 14.00 -29.90
CA GLY A 20 35.78 15.40 -29.66
C GLY A 20 34.54 16.27 -29.55
N LEU A 21 34.54 17.16 -28.56
CA LEU A 21 33.42 18.08 -28.36
C LEU A 21 33.61 19.31 -29.24
N LYS A 22 32.55 19.69 -29.94
CA LYS A 22 32.57 20.94 -30.70
C LYS A 22 32.95 22.11 -29.80
N THR A 23 33.57 23.12 -30.41
CA THR A 23 33.95 24.31 -29.64
C THR A 23 32.74 25.05 -29.11
N ALA A 24 31.60 24.97 -29.79
CA ALA A 24 30.39 25.62 -29.30
C ALA A 24 29.85 24.95 -28.04
N GLN A 25 30.12 23.66 -27.87
CA GLN A 25 29.71 22.97 -26.65
C GLN A 25 30.63 23.32 -25.48
N LYS A 26 31.92 23.49 -25.75
CA LYS A 26 32.90 23.70 -24.69
C LYS A 26 32.66 25.01 -23.95
N THR A 27 32.26 26.06 -24.67
CA THR A 27 32.15 27.39 -24.07
C THR A 27 31.11 27.44 -22.95
N LEU A 28 30.16 26.50 -22.93
CA LEU A 28 29.06 26.54 -21.97
C LEU A 28 29.48 26.15 -20.56
N PHE A 29 30.69 25.55 -20.39
CA PHE A 29 31.28 24.98 -19.18
C PHE A 29 32.16 26.02 -18.46
N PRO A 30 32.27 25.94 -17.12
CA PRO A 30 31.68 24.90 -16.27
C PRO A 30 30.20 25.12 -15.98
N LEU A 31 29.50 24.03 -15.72
CA LEU A 31 28.11 24.08 -15.28
C LEU A 31 28.10 24.25 -13.77
N ARG A 32 27.63 25.40 -13.30
CA ARG A 32 27.58 25.68 -11.87
C ARG A 32 26.17 25.71 -11.32
N SER A 33 25.15 25.53 -12.16
CA SER A 33 23.78 25.61 -11.69
C SER A 33 22.87 24.79 -12.59
N ILE A 34 21.65 24.59 -12.12
CA ILE A 34 20.60 23.97 -12.93
C ILE A 34 20.41 24.73 -14.24
N ASP A 35 20.40 26.06 -14.19
CA ASP A 35 20.19 26.82 -15.42
C ASP A 35 21.34 26.70 -16.39
N ASP A 36 22.56 26.50 -15.90
CA ASP A 36 23.66 26.16 -16.80
C ASP A 36 23.36 24.86 -17.53
N VAL A 37 22.78 23.89 -16.82
CA VAL A 37 22.36 22.64 -17.47
C VAL A 37 21.27 22.92 -18.49
N VAL A 38 20.28 23.72 -18.11
CA VAL A 38 19.19 24.04 -19.03
C VAL A 38 19.72 24.69 -20.31
N ARG A 39 20.70 25.60 -20.19
CA ARG A 39 21.23 26.22 -21.40
C ARG A 39 22.02 25.22 -22.26
N LEU A 40 22.69 24.25 -21.64
CA LEU A 40 23.35 23.23 -22.44
C LEU A 40 22.33 22.41 -23.21
N PHE A 41 21.22 22.05 -22.56
CA PHE A 41 20.16 21.33 -23.23
C PHE A 41 19.52 22.20 -24.30
N ALA A 42 19.23 23.46 -23.96
CA ALA A 42 18.69 24.41 -24.94
C ALA A 42 19.59 24.52 -26.17
N ALA A 43 20.90 24.60 -25.96
CA ALA A 43 21.81 24.70 -27.09
C ALA A 43 21.81 23.42 -27.92
N GLU A 44 21.85 22.26 -27.26
CA GLU A 44 21.93 21.00 -27.99
C GLU A 44 20.63 20.72 -28.75
N LEU A 45 19.48 21.03 -28.15
CA LEU A 45 18.20 20.81 -28.83
C LEU A 45 18.03 21.68 -30.06
N GLY A 46 18.73 22.80 -30.14
CA GLY A 46 18.68 23.61 -31.34
C GLY A 46 19.37 22.99 -32.53
N ARG A 47 20.21 21.99 -32.30
CA ARG A 47 20.92 21.35 -33.39
C ARG A 47 20.16 20.15 -33.94
N GLU A 48 20.50 19.77 -35.16
CA GLU A 48 19.83 18.66 -35.82
C GLU A 48 20.09 17.35 -35.10
N GLU A 49 21.22 17.22 -34.41
CA GLU A 49 21.54 16.04 -33.62
C GLU A 49 22.04 16.48 -32.26
N PRO A 50 21.15 16.64 -31.28
CA PRO A 50 21.60 16.84 -29.90
C PRO A 50 22.51 15.70 -29.49
N ASP A 51 23.58 16.02 -28.77
CA ASP A 51 24.56 15.00 -28.40
C ASP A 51 24.03 14.23 -27.20
N LEU A 52 23.46 13.05 -27.48
CA LEU A 52 22.84 12.24 -26.42
C LEU A 52 23.87 11.80 -25.39
N VAL A 53 25.10 11.48 -25.84
CA VAL A 53 26.13 11.05 -24.91
C VAL A 53 26.51 12.17 -23.96
N LEU A 54 26.83 13.35 -24.52
CA LEU A 54 27.17 14.50 -23.68
C LEU A 54 26.06 14.81 -22.69
N LEU A 55 24.81 14.89 -23.16
CA LEU A 55 23.72 15.28 -22.27
C LEU A 55 23.50 14.25 -21.17
N SER A 56 23.58 12.95 -21.52
CA SER A 56 23.35 11.92 -20.53
C SER A 56 24.48 11.86 -19.50
N LEU A 57 25.72 12.06 -19.94
CA LEU A 57 26.84 12.14 -19.01
C LEU A 57 26.65 13.26 -18.00
N VAL A 58 26.21 14.43 -18.47
CA VAL A 58 26.00 15.56 -17.57
C VAL A 58 24.92 15.26 -16.55
N LEU A 59 23.79 14.70 -17.00
CA LEU A 59 22.73 14.35 -16.06
C LEU A 59 23.21 13.29 -15.08
N GLY A 60 23.92 12.27 -15.55
CA GLY A 60 24.38 11.23 -14.66
C GLY A 60 25.41 11.73 -13.66
N PHE A 61 26.30 12.62 -14.09
CA PHE A 61 27.26 13.23 -13.18
C PHE A 61 26.55 14.03 -12.10
N VAL A 62 25.62 14.88 -12.51
CA VAL A 62 24.85 15.68 -11.56
C VAL A 62 24.06 14.79 -10.62
N GLU A 63 23.39 13.76 -11.18
CA GLU A 63 22.61 12.85 -10.34
C GLU A 63 23.49 12.08 -9.38
N HIS A 64 24.71 11.70 -9.80
CA HIS A 64 25.58 10.94 -8.91
C HIS A 64 25.93 11.73 -7.65
N PHE A 65 26.24 13.01 -7.81
CA PHE A 65 26.68 13.79 -6.67
C PHE A 65 25.54 14.53 -5.97
N LEU A 66 24.30 14.39 -6.47
CA LEU A 66 23.13 14.86 -5.74
C LEU A 66 22.31 13.74 -5.12
N ALA A 67 22.45 12.51 -5.62
CA ALA A 67 21.59 11.42 -5.14
C ALA A 67 22.35 10.17 -4.75
N VAL A 68 23.41 9.80 -5.49
CA VAL A 68 24.13 8.56 -5.18
C VAL A 68 25.05 8.77 -4.00
N ASN A 69 25.90 9.80 -4.07
CA ASN A 69 26.78 10.17 -2.97
C ASN A 69 26.32 11.57 -2.57
N ARG A 70 25.39 11.62 -1.62
CA ARG A 70 24.84 12.87 -1.11
C ARG A 70 25.85 13.49 -0.16
N VAL A 71 26.38 14.66 -0.53
CA VAL A 71 27.49 15.25 0.22
C VAL A 71 27.03 15.78 1.57
N ILE A 72 25.91 16.50 1.59
CA ILE A 72 25.37 17.10 2.81
C ILE A 72 23.97 16.56 3.02
N PRO A 73 23.59 16.16 4.23
CA PRO A 73 22.26 15.58 4.43
C PRO A 73 21.15 16.61 4.27
N THR A 74 19.94 16.10 4.09
CA THR A 74 18.76 16.91 3.81
C THR A 74 17.99 17.29 5.07
N ASN A 75 18.53 16.97 6.24
CA ASN A 75 17.78 17.16 7.48
C ASN A 75 17.63 18.65 7.77
N VAL A 76 16.45 19.03 8.25
CA VAL A 76 16.17 20.41 8.67
C VAL A 76 16.14 20.44 10.20
N PRO A 77 16.87 21.35 10.84
CA PRO A 77 16.94 21.36 12.30
C PRO A 77 15.58 21.67 12.92
N GLU A 78 15.48 21.40 14.22
CA GLU A 78 14.24 21.65 14.94
C GLU A 78 13.98 23.15 15.04
N LEU A 79 12.80 23.57 14.60
CA LEU A 79 12.40 24.98 14.60
C LEU A 79 12.48 25.62 15.98
N THR A 80 13.60 26.27 16.27
CA THR A 80 13.78 27.06 17.49
C THR A 80 13.95 28.52 17.11
N PHE A 81 13.79 29.41 18.09
CA PHE A 81 14.00 30.83 17.87
C PHE A 81 14.79 31.43 19.02
N GLN A 82 15.58 32.45 18.69
CA GLN A 82 16.55 33.05 19.60
C GLN A 82 17.00 34.38 18.99
N PRO A 83 17.54 35.30 19.80
CA PRO A 83 17.90 36.61 19.24
C PRO A 83 19.02 36.56 18.22
N SER A 84 19.95 35.61 18.32
CA SER A 84 21.06 35.48 17.40
C SER A 84 20.68 34.59 16.22
N PRO A 85 21.55 34.46 15.22
CA PRO A 85 21.26 33.52 14.13
C PRO A 85 21.41 32.07 14.58
N ALA A 86 20.74 31.19 13.85
CA ALA A 86 20.83 29.76 14.13
C ALA A 86 22.25 29.28 13.89
N PRO A 87 22.72 28.29 14.68
CA PRO A 87 24.07 27.76 14.43
C PRO A 87 24.21 27.11 13.08
N ASP A 88 23.16 26.43 12.62
CA ASP A 88 23.13 25.75 11.34
C ASP A 88 22.01 26.33 10.49
N PRO A 89 22.15 26.30 9.15
CA PRO A 89 21.08 26.79 8.28
C PRO A 89 19.73 26.20 8.65
N PRO A 90 18.80 27.01 9.13
CA PRO A 90 17.58 26.45 9.76
C PRO A 90 16.68 25.70 8.81
N GLY A 91 16.73 25.99 7.51
CA GLY A 91 15.97 25.24 6.53
C GLY A 91 16.76 24.19 5.79
N GLY A 92 17.99 23.90 6.22
CA GLY A 92 18.78 22.96 5.46
C GLY A 92 19.39 23.64 4.24
N LEU A 93 19.91 22.80 3.36
CA LEU A 93 20.75 23.27 2.27
C LEU A 93 20.37 22.54 1.00
N THR A 94 20.39 23.26 -0.13
CA THR A 94 20.45 22.65 -1.44
C THR A 94 21.82 22.96 -2.04
N TYR A 95 22.27 22.15 -2.99
CA TYR A 95 23.58 22.41 -3.56
C TYR A 95 23.62 21.96 -5.01
N PHE A 96 24.76 22.22 -5.65
CA PHE A 96 25.03 21.82 -7.02
C PHE A 96 26.48 21.38 -7.11
N PRO A 97 26.76 20.21 -7.68
CA PRO A 97 28.16 19.81 -7.92
C PRO A 97 28.65 20.41 -9.23
N VAL A 98 29.72 21.20 -9.15
CA VAL A 98 30.24 21.87 -10.33
C VAL A 98 30.68 20.84 -11.36
N ALA A 99 30.30 21.03 -12.61
CA ALA A 99 30.63 20.13 -13.70
C ALA A 99 31.69 20.80 -14.57
N ASP A 100 32.95 20.43 -14.32
CA ASP A 100 34.06 20.99 -15.08
C ASP A 100 34.12 20.38 -16.47
N LEU A 101 34.55 21.18 -17.45
CA LEU A 101 34.76 20.65 -18.78
C LEU A 101 35.77 19.50 -18.76
N SER A 102 36.84 19.64 -17.98
CA SER A 102 37.86 18.59 -17.94
C SER A 102 37.28 17.25 -17.49
N ILE A 103 36.45 17.26 -16.46
CA ILE A 103 35.86 16.03 -15.95
C ILE A 103 34.91 15.43 -16.97
N ILE A 104 34.04 16.25 -17.56
CA ILE A 104 33.03 15.76 -18.47
C ILE A 104 33.62 15.37 -19.81
N ALA A 105 34.55 16.20 -20.33
CA ALA A 105 35.19 15.86 -21.60
C ALA A 105 35.97 14.56 -21.50
N ALA A 106 36.63 14.34 -20.35
CA ALA A 106 37.40 13.11 -20.16
C ALA A 106 36.49 11.89 -20.18
N LEU A 107 35.33 11.97 -19.54
CA LEU A 107 34.38 10.86 -19.58
C LEU A 107 33.81 10.69 -20.97
N TYR A 108 33.53 11.80 -21.66
CA TYR A 108 33.06 11.74 -23.05
C TYR A 108 34.08 11.07 -23.94
N ALA A 109 35.36 11.45 -23.81
CA ALA A 109 36.41 10.83 -24.62
C ALA A 109 36.53 9.34 -24.33
N ARG A 110 36.37 8.95 -23.05
CA ARG A 110 36.39 7.54 -22.70
C ARG A 110 35.32 6.77 -23.48
N PHE A 111 34.09 7.28 -23.51
CA PHE A 111 33.01 6.56 -24.17
C PHE A 111 33.22 6.48 -25.67
N THR A 112 33.55 7.61 -26.30
CA THR A 112 33.72 7.60 -27.76
C THR A 112 34.94 6.78 -28.17
N ALA A 113 36.04 6.90 -27.42
CA ALA A 113 37.18 6.02 -27.67
C ALA A 113 36.76 4.56 -27.58
N GLN A 114 35.92 4.23 -26.60
CA GLN A 114 35.41 2.87 -26.48
C GLN A 114 34.62 2.45 -27.71
N ILE A 115 33.61 3.24 -28.08
CA ILE A 115 32.70 2.82 -29.15
C ILE A 115 33.40 2.88 -30.51
N ARG A 116 34.09 3.98 -30.80
CA ARG A 116 34.69 4.14 -32.12
C ARG A 116 35.74 3.05 -32.38
N GLY A 117 36.46 2.64 -31.34
CA GLY A 117 37.44 1.58 -31.49
C GLY A 117 36.85 0.18 -31.59
N ALA A 118 35.61 -0.01 -31.14
CA ALA A 118 35.04 -1.33 -31.02
C ALA A 118 34.24 -1.78 -32.24
N VAL A 119 33.84 -0.85 -33.11
CA VAL A 119 33.04 -1.18 -34.28
C VAL A 119 33.76 -0.69 -35.53
N SER A 122 33.99 0.78 -42.01
CA SER A 122 34.40 0.47 -43.37
C SER A 122 33.87 -0.87 -43.85
N LEU A 123 33.47 -1.76 -42.94
CA LEU A 123 32.77 -2.97 -43.36
C LEU A 123 31.36 -2.66 -43.85
N TYR A 124 30.71 -1.67 -43.26
CA TYR A 124 29.31 -1.37 -43.54
C TYR A 124 29.20 -0.03 -44.25
N PRO A 125 28.97 0.00 -45.57
CA PRO A 125 28.90 1.24 -46.34
C PRO A 125 27.73 2.16 -45.92
N GLY A 129 21.52 5.69 -46.80
CA GLY A 129 21.99 5.91 -45.44
C GLY A 129 21.24 5.05 -44.44
N VAL A 130 21.33 3.75 -44.61
CA VAL A 130 20.55 2.79 -43.84
C VAL A 130 21.50 1.83 -43.13
N SER A 131 21.19 1.50 -41.88
CA SER A 131 21.98 0.57 -41.09
C SER A 131 21.45 -0.85 -41.23
N SER A 132 22.36 -1.80 -41.30
CA SER A 132 21.98 -3.20 -41.42
C SER A 132 21.67 -3.81 -40.07
N ARG A 133 20.96 -4.94 -40.10
CA ARG A 133 20.74 -5.70 -38.88
C ARG A 133 22.05 -6.14 -38.23
N GLU A 134 23.04 -6.48 -39.05
CA GLU A 134 24.34 -6.87 -38.52
C GLU A 134 24.98 -5.74 -37.72
N LEU A 135 25.00 -4.54 -38.29
CA LEU A 135 25.64 -3.41 -37.62
C LEU A 135 24.94 -3.07 -36.30
N VAL A 136 23.61 -3.03 -36.31
CA VAL A 136 22.87 -2.70 -35.11
C VAL A 136 23.16 -3.71 -34.00
N LYS A 137 23.22 -5.00 -34.35
CA LYS A 137 23.51 -6.02 -33.35
C LYS A 137 24.91 -5.86 -32.76
N LYS A 138 25.89 -5.49 -33.61
CA LYS A 138 27.26 -5.34 -33.14
C LYS A 138 27.38 -4.18 -32.14
N VAL A 139 26.82 -3.01 -32.49
CA VAL A 139 26.81 -1.91 -31.54
C VAL A 139 26.10 -2.33 -30.25
N SER A 140 24.96 -3.02 -30.39
CA SER A 140 24.25 -3.52 -29.22
C SER A 140 25.09 -4.51 -28.42
N ASP A 141 25.84 -5.38 -29.11
CA ASP A 141 26.70 -6.34 -28.42
C ASP A 141 27.85 -5.64 -27.71
N VAL A 142 28.35 -4.53 -28.27
CA VAL A 142 29.43 -3.79 -27.62
C VAL A 142 28.97 -3.28 -26.26
N ILE A 143 27.79 -2.66 -26.22
CA ILE A 143 27.24 -2.20 -24.94
C ILE A 143 27.02 -3.38 -24.00
N TRP A 144 26.35 -4.43 -24.52
CA TRP A 144 25.97 -5.57 -23.70
C TRP A 144 27.19 -6.22 -23.04
N ASN A 145 28.25 -6.44 -23.80
CA ASN A 145 29.40 -7.19 -23.31
C ASN A 145 30.31 -6.34 -22.44
N SER A 146 30.10 -5.04 -22.35
CA SER A 146 30.83 -4.18 -21.42
C SER A 146 30.25 -4.22 -20.02
N LEU A 147 29.01 -4.68 -19.86
CA LEU A 147 28.31 -4.59 -18.59
C LEU A 147 28.89 -5.55 -17.56
N SER A 148 28.86 -5.13 -16.30
CA SER A 148 29.22 -6.02 -15.20
C SER A 148 28.34 -7.25 -15.23
N ARG A 149 28.93 -8.39 -14.86
CA ARG A 149 28.23 -9.67 -14.99
C ARG A 149 27.22 -9.93 -13.88
N SER A 150 27.30 -9.21 -12.77
CA SER A 150 26.35 -9.43 -11.67
C SER A 150 26.13 -8.13 -10.93
N TYR A 151 24.93 -7.57 -11.09
CA TYR A 151 24.49 -6.42 -10.30
C TYR A 151 22.98 -6.47 -10.26
N PHE A 152 22.41 -5.60 -9.44
CA PHE A 152 20.96 -5.58 -9.27
C PHE A 152 20.36 -4.68 -10.35
N LYS A 153 19.62 -5.29 -11.27
CA LYS A 153 19.16 -4.62 -12.46
C LYS A 153 18.15 -3.52 -12.17
N ASP A 154 17.53 -3.52 -10.99
CA ASP A 154 16.51 -2.52 -10.66
C ASP A 154 16.99 -1.44 -9.70
N ARG A 155 18.31 -1.30 -9.48
CA ARG A 155 18.78 -0.21 -8.63
C ARG A 155 18.48 1.14 -9.26
N ALA A 156 18.45 2.15 -8.41
CA ALA A 156 18.32 3.52 -8.88
C ALA A 156 19.67 4.04 -9.37
N HIS A 157 19.61 5.03 -10.25
CA HIS A 157 20.76 5.82 -10.69
C HIS A 157 21.73 5.04 -11.57
N ILE A 158 21.27 4.01 -12.28
CA ILE A 158 22.13 3.33 -13.24
C ILE A 158 21.50 3.42 -14.62
N GLN A 159 20.90 4.58 -14.93
CA GLN A 159 20.21 4.80 -16.18
C GLN A 159 21.03 5.53 -17.23
N SER A 160 22.10 6.22 -16.83
CA SER A 160 22.78 7.19 -17.66
C SER A 160 24.10 6.64 -18.20
N LEU A 161 24.63 7.30 -19.24
CA LEU A 161 25.95 6.95 -19.71
C LEU A 161 27.02 7.23 -18.69
N PHE A 162 26.78 8.14 -17.73
CA PHE A 162 27.72 8.28 -16.63
C PHE A 162 27.85 6.97 -15.86
N SER A 163 26.72 6.30 -15.63
CA SER A 163 26.74 5.01 -14.94
C SER A 163 27.42 3.94 -15.79
N PHE A 164 27.15 3.93 -17.10
CA PHE A 164 27.82 2.98 -17.97
C PHE A 164 29.33 3.17 -17.96
N ILE A 165 29.79 4.43 -18.02
CA ILE A 165 31.20 4.70 -18.20
C ILE A 165 31.96 4.45 -16.90
N THR A 166 31.43 4.91 -15.77
CA THR A 166 32.12 4.86 -14.50
C THR A 166 31.76 3.65 -13.65
N GLY A 167 30.71 2.92 -13.99
CA GLY A 167 30.30 1.79 -13.17
C GLY A 167 30.03 0.53 -13.96
N THR A 168 30.10 0.62 -15.29
CA THR A 168 29.70 -0.46 -16.19
C THR A 168 28.40 -1.13 -15.77
N LYS A 169 27.41 -0.34 -15.38
CA LYS A 169 26.09 -0.85 -14.98
C LYS A 169 25.02 -0.02 -15.66
N LEU A 170 24.00 -0.69 -16.18
CA LEU A 170 22.85 -0.02 -16.79
C LEU A 170 21.58 -0.80 -16.46
N ASP A 171 20.50 -0.08 -16.18
CA ASP A 171 19.20 -0.72 -16.05
C ASP A 171 18.66 -1.07 -17.44
N SER A 172 17.48 -1.71 -17.47
CA SER A 172 16.98 -2.32 -18.70
C SER A 172 16.90 -1.33 -19.85
N SER A 173 16.10 -0.26 -19.68
CA SER A 173 15.96 0.69 -20.77
C SER A 173 17.22 1.54 -20.95
N GLY A 174 18.07 1.62 -19.93
CA GLY A 174 19.33 2.33 -20.08
C GLY A 174 20.25 1.68 -21.09
N VAL A 175 20.21 0.34 -21.18
CA VAL A 175 20.93 -0.36 -22.24
C VAL A 175 20.49 0.14 -23.61
N ALA A 176 19.17 0.20 -23.84
CA ALA A 176 18.66 0.61 -25.14
C ALA A 176 19.04 2.05 -25.45
N PHE A 177 18.91 2.95 -24.47
CA PHE A 177 19.37 4.32 -24.69
C PHE A 177 20.84 4.36 -25.03
N ALA A 178 21.67 3.60 -24.29
CA ALA A 178 23.10 3.60 -24.54
C ALA A 178 23.42 3.07 -25.93
N VAL A 179 22.69 2.05 -26.38
CA VAL A 179 22.87 1.54 -27.74
C VAL A 179 22.57 2.64 -28.76
N VAL A 180 21.47 3.38 -28.55
CA VAL A 180 21.13 4.47 -29.45
C VAL A 180 22.21 5.55 -29.39
N GLY A 181 22.66 5.90 -28.18
CA GLY A 181 23.72 6.88 -28.05
C GLY A 181 25.01 6.45 -28.74
N ALA A 182 25.32 5.15 -28.67
CA ALA A 182 26.50 4.65 -29.36
C ALA A 182 26.32 4.73 -30.89
N CYS A 183 25.12 4.44 -31.38
CA CYS A 183 24.86 4.53 -32.81
C CYS A 183 24.98 5.97 -33.30
N GLN A 184 24.53 6.93 -32.51
CA GLN A 184 24.70 8.34 -32.90
C GLN A 184 26.17 8.70 -32.96
N ALA A 185 26.97 8.23 -32.01
CA ALA A 185 28.39 8.54 -31.98
C ALA A 185 29.14 7.90 -33.14
N LEU A 186 28.59 6.87 -33.77
CA LEU A 186 29.12 6.35 -35.03
C LEU A 186 28.38 6.91 -36.25
N GLY A 187 27.53 7.91 -36.07
CA GLY A 187 26.86 8.52 -37.21
C GLY A 187 25.77 7.68 -37.83
N LEU A 188 25.16 6.78 -37.07
CA LEU A 188 24.08 5.94 -37.57
C LEU A 188 22.77 6.66 -37.28
N ARG A 189 22.45 7.63 -38.14
CA ARG A 189 21.32 8.51 -37.86
C ARG A 189 19.96 7.88 -38.10
N ASP A 190 19.91 6.64 -38.61
CA ASP A 190 18.64 5.95 -38.79
C ASP A 190 18.25 5.10 -37.59
N VAL A 191 19.11 5.00 -36.60
CA VAL A 191 18.86 4.18 -35.41
C VAL A 191 18.22 5.05 -34.34
N HIS A 192 17.03 4.67 -33.90
CA HIS A 192 16.32 5.46 -32.91
C HIS A 192 15.79 4.57 -31.80
N LEU A 193 15.49 5.22 -30.68
CA LEU A 193 14.92 4.56 -29.52
C LEU A 193 13.43 4.31 -29.74
N ALA A 194 12.98 3.08 -29.51
CA ALA A 194 11.57 2.74 -29.50
C ALA A 194 11.13 2.47 -28.07
N LEU A 195 9.98 3.01 -27.70
CA LEU A 195 9.49 2.94 -26.32
C LEU A 195 8.05 2.48 -26.29
N SER A 196 7.78 1.44 -25.52
CA SER A 196 6.40 1.17 -25.11
C SER A 196 6.16 1.89 -23.78
N GLU A 197 5.15 1.47 -23.02
CA GLU A 197 4.99 2.09 -21.72
C GLU A 197 5.84 1.42 -20.64
N ASP A 198 6.52 0.30 -20.95
CA ASP A 198 7.36 -0.37 -19.97
C ASP A 198 8.61 -1.01 -20.56
N HIS A 199 8.86 -0.91 -21.87
CA HIS A 199 9.97 -1.59 -22.52
C HIS A 199 10.58 -0.69 -23.59
N ALA A 200 11.84 -0.96 -23.92
CA ALA A 200 12.58 -0.21 -24.92
C ALA A 200 13.36 -1.14 -25.84
N TRP A 201 13.44 -0.76 -27.11
CA TRP A 201 14.23 -1.45 -28.11
C TRP A 201 14.67 -0.42 -29.13
N VAL A 202 15.18 -0.85 -30.27
CA VAL A 202 15.61 0.10 -31.30
C VAL A 202 14.83 -0.15 -32.59
N VAL A 203 14.61 0.94 -33.33
CA VAL A 203 14.10 0.87 -34.69
C VAL A 203 15.12 1.51 -35.62
N PHE A 204 15.17 1.02 -36.85
CA PHE A 204 16.14 1.48 -37.84
C PHE A 204 15.59 1.17 -39.22
N GLY A 205 16.41 1.42 -40.25
CA GLY A 205 16.03 1.12 -41.61
C GLY A 205 15.43 2.31 -42.34
N PRO A 206 15.07 2.09 -43.62
CA PRO A 206 14.68 3.23 -44.48
C PRO A 206 13.53 4.07 -43.96
N ASN A 207 12.51 3.45 -43.37
CA ASN A 207 11.34 4.17 -42.86
C ASN A 207 11.11 3.89 -41.38
N GLY A 208 12.17 3.54 -40.65
CA GLY A 208 12.03 3.20 -39.24
C GLY A 208 11.27 1.93 -38.98
N GLU A 209 11.14 1.07 -40.00
CA GLU A 209 10.30 -0.12 -39.90
C GLU A 209 11.05 -1.34 -39.39
N GLN A 210 12.37 -1.29 -39.30
CA GLN A 210 13.16 -2.38 -38.76
C GLN A 210 13.24 -2.27 -37.24
N THR A 211 13.15 -3.42 -36.57
CA THR A 211 13.15 -3.45 -35.11
C THR A 211 14.15 -4.49 -34.63
N ALA A 212 14.73 -4.22 -33.45
CA ALA A 212 15.69 -5.14 -32.85
C ALA A 212 15.61 -5.02 -31.33
N GLU A 213 15.46 -6.15 -30.65
CA GLU A 213 15.61 -6.18 -29.20
C GLU A 213 17.08 -6.01 -28.83
N VAL A 214 17.36 -5.14 -27.87
CA VAL A 214 18.76 -4.87 -27.49
C VAL A 214 18.96 -4.99 -25.98
N THR A 215 17.88 -5.19 -25.22
CA THR A 215 18.00 -5.31 -23.78
C THR A 215 17.08 -6.44 -23.30
N TRP A 216 17.12 -6.69 -21.99
CA TRP A 216 16.24 -7.67 -21.39
C TRP A 216 14.96 -6.98 -20.93
N HIS A 217 13.97 -7.77 -20.54
CA HIS A 217 12.80 -7.21 -19.86
C HIS A 217 12.42 -8.04 -18.66
N GLY A 218 11.87 -7.35 -17.66
CA GLY A 218 11.23 -8.01 -16.55
C GLY A 218 12.20 -8.43 -15.47
N LYS A 219 11.62 -8.84 -14.34
CA LYS A 219 12.40 -9.28 -13.19
C LYS A 219 13.18 -10.56 -13.46
N GLY A 220 13.05 -11.14 -14.64
CA GLY A 220 13.88 -12.28 -15.03
C GLY A 220 15.00 -11.88 -15.95
N ASP A 223 16.32 -12.95 -21.98
CA ASP A 223 16.11 -11.84 -22.92
C ASP A 223 15.78 -12.33 -24.33
N ARG A 224 15.28 -11.42 -25.15
CA ARG A 224 14.97 -11.68 -26.55
C ARG A 224 15.91 -10.93 -27.48
N ARG A 225 17.14 -10.64 -27.01
CA ARG A 225 18.06 -9.79 -27.76
C ARG A 225 18.31 -10.36 -29.15
N GLY A 226 18.34 -9.48 -30.14
CA GLY A 226 18.51 -9.85 -31.52
C GLY A 226 17.22 -10.08 -32.28
N GLN A 227 16.11 -10.31 -31.60
CA GLN A 227 14.85 -10.61 -32.25
C GLN A 227 14.15 -9.31 -32.67
N THR A 228 13.22 -9.44 -33.62
CA THR A 228 12.26 -8.37 -33.87
C THR A 228 11.19 -8.40 -32.79
N VAL A 229 10.34 -7.36 -32.80
CA VAL A 229 9.24 -7.30 -31.84
C VAL A 229 7.94 -7.75 -32.49
N ASN A 230 8.05 -8.30 -33.71
CA ASN A 230 6.85 -8.72 -34.45
C ASN A 230 5.97 -9.65 -33.62
N ALA A 231 6.59 -10.60 -32.91
CA ALA A 231 5.81 -11.58 -32.15
C ALA A 231 5.11 -10.96 -30.96
N GLY A 232 5.74 -9.99 -30.31
CA GLY A 232 5.09 -9.31 -29.19
C GLY A 232 3.97 -8.41 -29.64
N VAL A 233 4.14 -7.75 -30.78
CA VAL A 233 3.05 -6.96 -31.37
C VAL A 233 1.88 -7.89 -31.74
N ALA A 234 2.20 -9.03 -32.34
CA ALA A 234 1.15 -9.96 -32.77
C ALA A 234 0.41 -10.58 -31.59
N GLU A 235 1.10 -10.79 -30.46
CA GLU A 235 0.42 -11.41 -29.32
C GLU A 235 -0.47 -10.45 -28.56
N ARG A 236 -0.49 -9.17 -28.94
CA ARG A 236 -1.40 -8.18 -28.37
C ARG A 236 -1.19 -8.00 -26.87
N SER A 237 0.05 -8.14 -26.41
CA SER A 237 0.39 -7.85 -25.03
C SER A 237 0.52 -6.34 -24.84
N TRP A 238 0.29 -5.89 -23.61
CA TRP A 238 0.48 -4.48 -23.32
C TRP A 238 1.93 -4.05 -23.55
N LEU A 239 2.87 -4.97 -23.35
CA LEU A 239 4.29 -4.61 -23.43
C LEU A 239 4.65 -4.05 -24.80
N TYR A 240 3.99 -4.48 -25.86
CA TYR A 240 4.30 -3.96 -27.20
C TYR A 240 3.18 -3.09 -27.76
N LEU A 241 2.13 -2.86 -26.97
CA LEU A 241 1.10 -1.85 -27.27
C LEU A 241 0.42 -2.08 -28.61
N LYS A 242 0.35 -3.35 -29.06
N LYS A 242 0.38 -3.34 -29.06
CA LYS A 242 -0.25 -3.71 -30.34
CA LYS A 242 -0.23 -3.73 -30.33
C LYS A 242 0.38 -2.98 -31.51
C LYS A 242 0.38 -2.96 -31.51
N GLY A 243 1.63 -2.52 -31.36
CA GLY A 243 2.30 -1.77 -32.38
C GLY A 243 2.17 -0.26 -32.25
N SER A 244 1.37 0.23 -31.30
CA SER A 244 1.19 1.66 -31.09
C SER A 244 2.23 2.23 -30.14
N TYR A 245 3.48 1.85 -30.32
CA TYR A 245 4.55 2.32 -29.45
C TYR A 245 5.22 3.57 -30.04
N MET A 246 6.06 4.17 -29.22
CA MET A 246 6.71 5.45 -29.51
C MET A 246 7.96 5.22 -30.35
N ARG A 247 8.00 5.79 -31.56
CA ARG A 247 9.22 5.83 -32.37
C ARG A 247 9.83 7.20 -32.15
N CYS A 248 10.89 7.26 -31.35
CA CYS A 248 11.49 8.54 -30.99
C CYS A 248 12.31 9.11 -32.15
N ASP A 249 12.30 10.44 -32.26
CA ASP A 249 13.37 11.13 -32.94
C ASP A 249 14.41 11.55 -31.91
N ARG A 250 15.47 12.23 -32.38
CA ARG A 250 16.54 12.64 -31.48
C ARG A 250 16.03 13.53 -30.35
N LYS A 251 15.01 14.34 -30.62
CA LYS A 251 14.49 15.24 -29.60
C LYS A 251 13.72 14.47 -28.52
N MET A 252 12.94 13.48 -28.93
CA MET A 252 12.23 12.63 -27.98
C MET A 252 13.18 11.77 -27.17
N GLU A 253 14.37 11.48 -27.71
CA GLU A 253 15.37 10.75 -26.96
C GLU A 253 15.95 11.61 -25.84
N VAL A 254 16.12 12.91 -26.10
CA VAL A 254 16.47 13.82 -25.02
C VAL A 254 15.38 13.84 -23.96
N ALA A 255 14.11 13.91 -24.39
CA ALA A 255 13.01 13.88 -23.43
C ALA A 255 13.04 12.61 -22.59
N PHE A 256 13.43 11.47 -23.17
CA PHE A 256 13.49 10.23 -22.42
C PHE A 256 14.54 10.30 -21.30
N MET A 257 15.74 10.77 -21.63
CA MET A 257 16.79 10.88 -20.62
C MET A 257 16.38 11.86 -19.51
N VAL A 258 15.58 12.86 -19.84
CA VAL A 258 15.08 13.79 -18.83
C VAL A 258 14.07 13.10 -17.92
N CYS A 259 13.10 12.39 -18.52
CA CYS A 259 12.17 11.61 -17.72
C CYS A 259 12.90 10.58 -16.86
N ALA A 260 14.08 10.13 -17.30
CA ALA A 260 14.80 9.08 -16.61
C ALA A 260 15.60 9.59 -15.41
N ILE A 261 15.70 10.90 -15.23
CA ILE A 261 16.30 11.44 -14.02
C ILE A 261 15.62 10.84 -12.80
N ASN A 262 16.42 10.37 -11.84
CA ASN A 262 15.89 9.78 -10.61
C ASN A 262 16.27 10.61 -9.40
N PRO A 263 15.34 11.40 -8.85
CA PRO A 263 15.68 12.26 -7.70
C PRO A 263 15.86 11.53 -6.38
N SER A 264 15.61 10.22 -6.32
CA SER A 264 15.57 9.51 -5.05
C SER A 264 16.96 9.43 -4.40
N ILE A 265 17.07 10.00 -3.20
CA ILE A 265 18.25 9.76 -2.36
C ILE A 265 18.09 8.47 -1.57
N ASP A 266 16.92 8.25 -0.98
CA ASP A 266 16.50 6.96 -0.45
C ASP A 266 15.00 6.83 -0.68
N LEU A 267 14.40 5.79 -0.09
CA LEU A 267 12.97 5.52 -0.34
C LEU A 267 12.08 6.68 0.05
N HIS A 268 12.45 7.46 1.07
CA HIS A 268 11.58 8.48 1.63
C HIS A 268 12.09 9.90 1.40
N THR A 269 13.05 10.08 0.50
CA THR A 269 13.73 11.38 0.35
C THR A 269 14.10 11.60 -1.10
N ASP A 270 13.56 12.67 -1.70
CA ASP A 270 13.96 13.10 -3.03
C ASP A 270 14.83 14.34 -2.96
N SER A 271 15.83 14.39 -3.83
CA SER A 271 16.63 15.58 -4.01
C SER A 271 15.76 16.67 -4.62
N LEU A 272 15.60 17.79 -3.90
CA LEU A 272 14.89 18.93 -4.47
C LEU A 272 15.56 19.42 -5.74
N GLU A 273 16.90 19.36 -5.78
CA GLU A 273 17.62 19.88 -6.93
C GLU A 273 17.28 19.10 -8.19
N LEU A 274 17.30 17.76 -8.10
CA LEU A 274 17.05 16.92 -9.27
C LEU A 274 15.59 17.02 -9.74
N LEU A 275 14.64 17.17 -8.80
CA LEU A 275 13.26 17.43 -9.20
C LEU A 275 13.16 18.75 -9.97
N GLN A 276 13.74 19.81 -9.42
CA GLN A 276 13.70 21.10 -10.08
C GLN A 276 14.39 21.06 -11.45
N LEU A 277 15.50 20.33 -11.55
CA LEU A 277 16.17 20.17 -12.83
C LEU A 277 15.26 19.48 -13.84
N GLN A 278 14.71 18.32 -13.46
CA GLN A 278 13.80 17.62 -14.36
C GLN A 278 12.63 18.50 -14.78
N GLN A 279 12.11 19.30 -13.85
CA GLN A 279 10.95 20.13 -14.14
C GLN A 279 11.28 21.21 -15.18
N LYS A 280 12.36 21.96 -14.96
CA LYS A 280 12.72 23.01 -15.91
C LYS A 280 13.08 22.42 -17.27
N LEU A 281 13.72 21.24 -17.28
CA LEU A 281 14.09 20.62 -18.54
C LEU A 281 12.85 20.14 -19.30
N LEU A 282 11.84 19.62 -18.59
CA LEU A 282 10.59 19.23 -19.25
C LEU A 282 9.87 20.44 -19.84
N TRP A 283 9.85 21.56 -19.11
CA TRP A 283 9.23 22.76 -19.67
C TRP A 283 9.98 23.24 -20.89
N LEU A 284 11.31 23.11 -20.88
CA LEU A 284 12.11 23.49 -22.05
C LEU A 284 11.73 22.66 -23.26
N LEU A 285 11.65 21.34 -23.09
CA LEU A 285 11.21 20.47 -24.17
C LEU A 285 9.77 20.78 -24.58
N TYR A 286 8.91 21.05 -23.60
CA TYR A 286 7.51 21.37 -23.89
C TYR A 286 7.41 22.59 -24.79
N ASP A 287 8.14 23.66 -24.44
CA ASP A 287 8.05 24.91 -25.20
C ASP A 287 8.55 24.73 -26.62
N LEU A 288 9.49 23.82 -26.82
CA LEU A 288 10.01 23.54 -28.16
C LEU A 288 9.15 22.57 -28.93
N GLY A 289 8.09 22.03 -28.32
CA GLY A 289 7.18 21.15 -29.01
C GLY A 289 7.60 19.69 -29.04
N HIS A 290 8.55 19.29 -28.21
CA HIS A 290 9.10 17.94 -28.30
C HIS A 290 8.39 16.94 -27.41
N LEU A 291 7.39 17.36 -26.64
CA LEU A 291 6.55 16.44 -25.87
C LEU A 291 5.20 16.20 -26.53
N GLU A 292 4.98 16.76 -27.72
CA GLU A 292 3.71 16.65 -28.42
C GLU A 292 3.29 15.20 -28.65
N ARG A 293 4.24 14.30 -28.85
CA ARG A 293 3.96 12.89 -29.08
C ARG A 293 4.52 12.01 -27.96
N TYR A 294 4.57 12.56 -26.75
CA TYR A 294 5.16 11.90 -25.59
C TYR A 294 4.20 11.97 -24.41
N PRO A 295 3.14 11.15 -24.43
CA PRO A 295 2.13 11.24 -23.35
C PRO A 295 2.69 11.09 -21.94
N MET A 296 3.58 10.14 -21.68
CA MET A 296 4.05 9.98 -20.30
C MET A 296 4.88 11.17 -19.84
N ALA A 297 5.60 11.82 -20.77
CA ALA A 297 6.35 13.01 -20.40
C ALA A 297 5.43 14.14 -19.98
N LEU A 298 4.30 14.30 -20.68
CA LEU A 298 3.32 15.30 -20.27
C LEU A 298 2.71 14.95 -18.91
N GLY A 299 2.46 13.67 -18.67
CA GLY A 299 1.97 13.26 -17.36
C GLY A 299 3.00 13.49 -16.26
N ASN A 300 4.27 13.22 -16.57
N ASN A 300 4.27 13.22 -16.57
CA ASN A 300 5.32 13.44 -15.59
CA ASN A 300 5.34 13.44 -15.60
C ASN A 300 5.45 14.93 -15.25
C ASN A 300 5.47 14.92 -15.25
N LEU A 301 5.31 15.79 -16.26
CA LEU A 301 5.38 17.23 -16.02
C LEU A 301 4.21 17.69 -15.17
N ALA A 302 3.00 17.18 -15.47
CA ALA A 302 1.84 17.54 -14.69
C ALA A 302 1.98 17.11 -13.24
N ASP A 303 2.52 15.91 -13.00
CA ASP A 303 2.77 15.46 -11.63
C ASP A 303 3.77 16.38 -10.91
N LEU A 304 4.75 16.92 -11.63
CA LEU A 304 5.69 17.84 -11.01
C LEU A 304 5.03 19.18 -10.70
N GLU A 305 4.21 19.68 -11.63
CA GLU A 305 3.49 20.93 -11.40
C GLU A 305 2.50 20.80 -10.24
N GLU A 306 1.92 19.60 -10.06
CA GLU A 306 0.99 19.38 -8.96
C GLU A 306 1.65 19.68 -7.61
N LEU A 307 2.91 19.28 -7.44
CA LEU A 307 3.64 19.49 -6.20
C LEU A 307 4.32 20.85 -6.13
N GLU A 308 4.82 21.36 -7.26
CA GLU A 308 5.58 22.60 -7.32
C GLU A 308 5.10 23.43 -8.50
N PRO A 309 3.92 24.05 -8.38
CA PRO A 309 3.37 24.78 -9.54
C PRO A 309 4.29 25.92 -9.97
N THR A 310 4.42 26.08 -11.29
CA THR A 310 5.21 27.17 -11.85
C THR A 310 4.29 28.30 -12.26
N PRO A 311 4.48 29.52 -11.76
CA PRO A 311 3.56 30.62 -12.09
C PRO A 311 3.54 30.90 -13.59
N GLY A 312 2.35 31.09 -14.13
CA GLY A 312 2.16 31.39 -15.54
C GLY A 312 2.10 30.19 -16.45
N ARG A 313 2.21 28.98 -15.92
CA ARG A 313 2.16 27.78 -16.74
C ARG A 313 0.78 27.15 -16.67
N PRO A 314 0.41 26.33 -17.66
CA PRO A 314 -0.86 25.58 -17.54
C PRO A 314 -0.88 24.76 -16.26
N ASP A 315 -2.07 24.60 -15.70
CA ASP A 315 -2.20 23.84 -14.46
C ASP A 315 -2.19 22.35 -14.80
N PRO A 316 -2.03 21.47 -13.78
CA PRO A 316 -1.86 20.05 -14.07
C PRO A 316 -2.97 19.42 -14.90
N LEU A 317 -4.24 19.75 -14.65
CA LEU A 317 -5.32 19.12 -15.40
C LEU A 317 -5.18 19.37 -16.90
N THR A 318 -4.82 20.59 -17.28
CA THR A 318 -4.58 20.88 -18.69
C THR A 318 -3.52 19.96 -19.28
N LEU A 319 -2.45 19.71 -18.52
CA LEU A 319 -1.38 18.85 -19.03
C LEU A 319 -1.80 17.39 -19.08
N TYR A 320 -2.55 16.92 -18.09
CA TYR A 320 -3.03 15.53 -18.14
C TYR A 320 -3.89 15.30 -19.37
N HIS A 321 -4.77 16.27 -19.68
CA HIS A 321 -5.62 16.13 -20.86
C HIS A 321 -4.84 16.26 -22.15
N LYS A 322 -3.75 17.05 -22.15
CA LYS A 322 -2.86 17.07 -23.30
C LYS A 322 -2.23 15.70 -23.54
N GLY A 323 -1.84 15.02 -22.47
CA GLY A 323 -1.25 13.69 -22.62
C GLY A 323 -2.25 12.66 -23.13
N ILE A 324 -3.49 12.74 -22.67
CA ILE A 324 -4.53 11.87 -23.20
C ILE A 324 -4.79 12.16 -24.68
N ALA A 325 -4.89 13.45 -25.03
CA ALA A 325 -5.12 13.82 -26.43
C ALA A 325 -3.95 13.38 -27.32
N SER A 326 -2.73 13.48 -26.80
CA SER A 326 -1.57 13.00 -27.54
C SER A 326 -1.68 11.50 -27.82
N ALA A 327 -2.07 10.72 -26.82
CA ALA A 327 -2.18 9.28 -27.00
C ALA A 327 -3.33 8.92 -27.95
N LYS A 328 -4.43 9.68 -27.91
CA LYS A 328 -5.50 9.49 -28.88
C LYS A 328 -5.02 9.85 -30.29
N THR A 329 -4.28 10.95 -30.41
CA THR A 329 -3.92 11.44 -31.74
C THR A 329 -2.88 10.55 -32.40
N TYR A 330 -1.83 10.17 -31.68
CA TYR A 330 -0.67 9.53 -32.29
C TYR A 330 -0.59 8.02 -32.05
N TYR A 331 -1.27 7.50 -31.03
CA TYR A 331 -1.09 6.11 -30.66
C TYR A 331 -2.42 5.38 -30.54
N ARG A 332 -3.43 5.82 -31.30
CA ARG A 332 -4.67 5.06 -31.48
C ARG A 332 -5.46 4.91 -30.19
N ASP A 333 -5.16 5.74 -29.18
CA ASP A 333 -5.80 5.64 -27.86
C ASP A 333 -5.57 4.25 -27.25
N GLU A 334 -4.38 3.70 -27.45
CA GLU A 334 -4.06 2.37 -26.96
C GLU A 334 -3.03 2.39 -25.82
N HIS A 335 -2.79 3.56 -25.22
CA HIS A 335 -1.94 3.66 -24.04
C HIS A 335 -2.78 3.66 -22.77
N ILE A 336 -2.20 3.09 -21.71
CA ILE A 336 -2.88 2.94 -20.43
C ILE A 336 -2.60 4.12 -19.51
N TYR A 337 -1.33 4.51 -19.40
CA TYR A 337 -0.94 5.48 -18.39
C TYR A 337 -1.59 6.86 -18.50
N PRO A 338 -1.93 7.40 -19.69
CA PRO A 338 -2.52 8.76 -19.71
C PRO A 338 -3.75 8.90 -18.84
N TYR A 339 -4.58 7.86 -18.77
CA TYR A 339 -5.77 7.89 -17.92
C TYR A 339 -5.43 7.64 -16.46
N MET A 340 -4.39 6.85 -16.18
CA MET A 340 -3.95 6.62 -14.81
C MET A 340 -3.37 7.90 -14.20
N TYR A 341 -2.61 8.67 -14.99
CA TYR A 341 -2.12 9.96 -14.52
C TYR A 341 -3.28 10.84 -14.09
N LEU A 342 -4.31 10.92 -14.92
CA LEU A 342 -5.45 11.79 -14.64
C LEU A 342 -6.25 11.32 -13.44
N ALA A 343 -6.51 10.01 -13.36
CA ALA A 343 -7.26 9.47 -12.24
C ALA A 343 -6.54 9.71 -10.91
N GLY A 344 -5.22 9.53 -10.89
CA GLY A 344 -4.48 9.71 -9.65
C GLY A 344 -4.55 11.14 -9.13
N TYR A 345 -4.48 12.10 -10.04
CA TYR A 345 -4.62 13.51 -9.66
C TYR A 345 -6.01 13.79 -9.09
N HIS A 346 -7.05 13.33 -9.78
CA HIS A 346 -8.41 13.50 -9.27
C HIS A 346 -8.56 12.86 -7.90
N CYS A 347 -7.92 11.70 -7.71
CA CYS A 347 -8.04 10.99 -6.44
C CYS A 347 -7.37 11.74 -5.32
N ARG A 348 -6.16 12.26 -5.55
CA ARG A 348 -5.46 13.05 -4.55
C ARG A 348 -6.16 14.38 -4.26
N ASN A 349 -7.04 14.84 -5.15
CA ASN A 349 -7.78 16.07 -4.94
C ASN A 349 -9.24 15.81 -4.60
N ARG A 350 -9.59 14.58 -4.24
CA ARG A 350 -10.91 14.25 -3.68
C ARG A 350 -12.02 14.50 -4.68
N ASN A 351 -11.71 14.41 -5.97
CA ASN A 351 -12.71 14.51 -7.04
C ASN A 351 -13.15 13.08 -7.37
N VAL A 352 -14.08 12.57 -6.57
CA VAL A 352 -14.36 11.13 -6.58
C VAL A 352 -15.00 10.73 -7.91
N ARG A 353 -16.00 11.49 -8.36
CA ARG A 353 -16.66 11.15 -9.63
C ARG A 353 -15.67 11.13 -10.78
N GLU A 354 -14.81 12.14 -10.88
CA GLU A 354 -13.89 12.24 -12.00
C GLU A 354 -12.77 11.19 -11.90
N ALA A 355 -12.37 10.81 -10.69
CA ALA A 355 -11.36 9.76 -10.55
C ALA A 355 -11.91 8.41 -10.98
N LEU A 356 -13.14 8.10 -10.56
CA LEU A 356 -13.73 6.82 -10.92
C LEU A 356 -13.99 6.73 -12.41
N GLN A 357 -14.37 7.86 -13.03
CA GLN A 357 -14.58 7.85 -14.47
C GLN A 357 -13.27 7.62 -15.21
N ALA A 358 -12.18 8.26 -14.77
CA ALA A 358 -10.89 8.08 -15.45
C ALA A 358 -10.36 6.67 -15.29
N TRP A 359 -10.70 5.98 -14.19
CA TRP A 359 -10.29 4.59 -14.05
C TRP A 359 -11.15 3.67 -14.90
N ALA A 360 -12.45 3.99 -15.00
CA ALA A 360 -13.29 3.28 -15.97
C ALA A 360 -12.74 3.43 -17.37
N ASP A 361 -12.25 4.63 -17.72
CA ASP A 361 -11.61 4.82 -19.02
C ASP A 361 -10.31 4.03 -19.12
N THR A 362 -9.55 3.94 -18.03
CA THR A 362 -8.32 3.13 -18.06
C THR A 362 -8.62 1.67 -18.36
N ALA A 363 -9.60 1.09 -17.67
CA ALA A 363 -9.96 -0.30 -17.92
C ALA A 363 -10.54 -0.48 -19.32
N THR A 364 -11.15 0.56 -19.88
CA THR A 364 -11.71 0.47 -21.23
C THR A 364 -10.62 0.28 -22.27
N VAL A 365 -9.41 0.78 -22.02
CA VAL A 365 -8.31 0.55 -22.96
C VAL A 365 -7.72 -0.84 -22.76
N ILE A 366 -7.54 -1.27 -21.50
CA ILE A 366 -6.88 -2.54 -21.24
C ILE A 366 -7.74 -3.73 -21.66
N GLN A 367 -9.05 -3.57 -21.76
CA GLN A 367 -9.92 -4.71 -22.04
C GLN A 367 -9.67 -5.30 -23.43
N ASP A 368 -9.05 -4.53 -24.32
CA ASP A 368 -8.75 -5.00 -25.67
C ASP A 368 -7.34 -5.56 -25.80
N TYR A 369 -6.63 -5.76 -24.70
CA TYR A 369 -5.31 -6.38 -24.68
C TYR A 369 -5.42 -7.79 -24.13
N ASN A 370 -4.40 -8.61 -24.43
CA ASN A 370 -4.25 -9.93 -23.82
C ASN A 370 -3.21 -9.85 -22.71
N TYR A 371 -3.58 -10.29 -21.51
CA TYR A 371 -2.63 -10.27 -20.39
C TYR A 371 -1.56 -11.35 -20.61
N CYS A 372 -0.34 -10.92 -20.90
CA CYS A 372 0.77 -11.82 -21.17
C CYS A 372 1.80 -11.76 -20.05
N ARG A 373 2.74 -12.70 -20.11
CA ARG A 373 3.64 -12.99 -18.99
C ARG A 373 4.61 -11.86 -18.66
N GLU A 374 4.80 -10.89 -19.55
CA GLU A 374 5.74 -9.81 -19.29
C GLU A 374 5.03 -8.50 -18.96
N ASP A 375 3.72 -8.54 -18.68
CA ASP A 375 2.92 -7.35 -18.43
C ASP A 375 2.77 -7.05 -16.94
N GLU A 376 3.64 -7.59 -16.07
CA GLU A 376 3.43 -7.44 -14.64
C GLU A 376 3.35 -5.98 -14.19
N GLU A 377 4.05 -5.07 -14.86
CA GLU A 377 4.07 -3.69 -14.39
C GLU A 377 2.68 -3.07 -14.43
N ILE A 378 1.95 -3.22 -15.55
CA ILE A 378 0.61 -2.65 -15.57
C ILE A 378 -0.33 -3.43 -14.65
N TYR A 379 -0.09 -4.73 -14.50
CA TYR A 379 -0.86 -5.50 -13.52
C TYR A 379 -0.67 -4.94 -12.12
N LYS A 380 0.57 -4.59 -11.76
CA LYS A 380 0.81 -4.06 -10.42
C LYS A 380 0.10 -2.74 -10.20
N GLU A 381 0.03 -1.89 -11.24
CA GLU A 381 -0.66 -0.61 -11.09
C GLU A 381 -2.17 -0.82 -10.95
N PHE A 382 -2.75 -1.72 -11.74
CA PHE A 382 -4.17 -2.03 -11.59
C PHE A 382 -4.46 -2.64 -10.21
N PHE A 383 -3.59 -3.55 -9.74
CA PHE A 383 -3.75 -4.12 -8.42
C PHE A 383 -3.81 -3.02 -7.35
N GLU A 384 -2.89 -2.07 -7.43
CA GLU A 384 -2.84 -1.01 -6.43
C GLU A 384 -4.11 -0.16 -6.48
N VAL A 385 -4.59 0.13 -7.67
CA VAL A 385 -5.83 0.90 -7.84
C VAL A 385 -7.01 0.13 -7.24
N ALA A 386 -7.24 -1.09 -7.72
CA ALA A 386 -8.38 -1.87 -7.25
C ALA A 386 -8.32 -2.14 -5.76
N ASN A 387 -7.14 -2.44 -5.24
CA ASN A 387 -7.03 -2.99 -3.89
C ASN A 387 -6.44 -2.02 -2.88
N ASP A 388 -6.12 -0.79 -3.27
CA ASP A 388 -5.71 0.15 -2.25
C ASP A 388 -6.24 1.56 -2.55
N VAL A 389 -6.05 2.04 -3.79
CA VAL A 389 -6.38 3.43 -4.09
C VAL A 389 -7.89 3.65 -4.08
N ILE A 390 -8.64 2.86 -4.84
CA ILE A 390 -10.10 3.01 -4.84
C ILE A 390 -10.68 2.77 -3.45
N PRO A 391 -10.31 1.71 -2.71
CA PRO A 391 -10.82 1.58 -1.33
C PRO A 391 -10.59 2.81 -0.47
N ASN A 392 -9.43 3.45 -0.62
CA ASN A 392 -9.16 4.66 0.14
C ASN A 392 -10.01 5.83 -0.33
N LEU A 393 -10.15 5.98 -1.65
CA LEU A 393 -11.00 7.04 -2.18
C LEU A 393 -12.43 6.90 -1.67
N LEU A 394 -12.94 5.68 -1.61
CA LEU A 394 -14.32 5.47 -1.17
C LEU A 394 -14.45 5.66 0.34
N LYS A 395 -13.44 5.25 1.11
CA LYS A 395 -13.48 5.46 2.55
C LYS A 395 -13.44 6.94 2.88
N GLU A 396 -12.61 7.70 2.16
CA GLU A 396 -12.56 9.15 2.29
C GLU A 396 -13.93 9.76 2.01
N ALA A 397 -14.58 9.32 0.93
CA ALA A 397 -15.88 9.86 0.57
C ALA A 397 -16.94 9.52 1.61
N ALA A 398 -16.84 8.33 2.22
CA ALA A 398 -17.79 7.96 3.25
C ALA A 398 -17.65 8.82 4.50
N SER A 399 -16.42 9.25 4.82
CA SER A 399 -16.22 10.14 5.95
C SER A 399 -16.87 11.49 5.74
N LEU A 400 -16.88 11.98 4.49
CA LEU A 400 -17.61 13.20 4.17
C LEU A 400 -19.10 13.02 4.37
N LEU A 401 -19.66 11.97 3.77
CA LEU A 401 -21.03 11.53 4.07
C LEU A 401 -21.14 11.00 5.49
N GLY A 419 -23.95 16.70 -3.87
CA GLY A 419 -24.22 15.44 -3.21
C GLY A 419 -23.04 14.49 -3.20
N SER A 420 -23.04 13.55 -2.25
CA SER A 420 -21.92 12.64 -2.10
C SER A 420 -21.82 11.70 -3.30
N ALA A 421 -20.58 11.30 -3.61
CA ALA A 421 -20.36 10.37 -4.71
C ALA A 421 -20.91 8.98 -4.41
N LEU A 422 -20.92 8.59 -3.12
CA LEU A 422 -21.46 7.27 -2.75
C LEU A 422 -22.97 7.19 -2.91
N GLN A 423 -23.61 8.32 -3.19
CA GLN A 423 -25.05 8.38 -3.38
C GLN A 423 -25.39 8.52 -4.85
N ASP A 424 -24.39 8.47 -5.72
CA ASP A 424 -24.54 8.69 -7.15
C ASP A 424 -24.42 7.36 -7.89
N PRO A 425 -25.49 6.82 -8.46
CA PRO A 425 -25.37 5.57 -9.21
C PRO A 425 -24.38 5.62 -10.35
N GLU A 426 -24.07 6.82 -10.87
CA GLU A 426 -23.06 6.91 -11.92
C GLU A 426 -21.68 6.52 -11.39
N CYS A 427 -21.37 6.91 -10.15
CA CYS A 427 -20.10 6.48 -9.56
C CYS A 427 -20.05 4.97 -9.38
N PHE A 428 -21.15 4.38 -8.92
CA PHE A 428 -21.20 2.93 -8.80
C PHE A 428 -20.99 2.27 -10.16
N ALA A 429 -21.61 2.82 -11.22
CA ALA A 429 -21.46 2.23 -12.54
C ALA A 429 -20.04 2.37 -13.06
N HIS A 430 -19.36 3.48 -12.75
CA HIS A 430 -17.94 3.62 -13.11
C HIS A 430 -17.09 2.56 -12.42
N LEU A 431 -17.39 2.28 -11.15
CA LEU A 431 -16.66 1.22 -10.45
C LEU A 431 -16.86 -0.13 -11.12
N LEU A 432 -18.09 -0.44 -11.54
CA LEU A 432 -18.33 -1.72 -12.19
C LEU A 432 -17.67 -1.79 -13.56
N ARG A 433 -17.69 -0.69 -14.30
CA ARG A 433 -17.04 -0.68 -15.62
C ARG A 433 -15.54 -0.90 -15.50
N PHE A 434 -14.92 -0.35 -14.44
CA PHE A 434 -13.51 -0.61 -14.15
C PHE A 434 -13.27 -2.11 -13.99
N TYR A 435 -14.09 -2.78 -13.17
CA TYR A 435 -13.93 -4.22 -12.99
C TYR A 435 -14.30 -4.98 -14.26
N ASP A 436 -15.30 -4.51 -15.01
CA ASP A 436 -15.63 -5.16 -16.27
C ASP A 436 -14.44 -5.15 -17.24
N GLY A 437 -13.74 -4.02 -17.33
CA GLY A 437 -12.59 -3.95 -18.22
C GLY A 437 -11.48 -4.90 -17.80
N ILE A 438 -11.25 -5.03 -16.49
CA ILE A 438 -10.22 -5.93 -15.99
C ILE A 438 -10.59 -7.38 -16.30
N CYS A 439 -11.87 -7.74 -16.09
CA CYS A 439 -12.31 -9.09 -16.36
C CYS A 439 -12.20 -9.42 -17.84
N LYS A 440 -12.60 -8.48 -18.70
CA LYS A 440 -12.50 -8.68 -20.14
C LYS A 440 -11.03 -8.80 -20.57
N TRP A 441 -10.16 -8.02 -19.95
CA TRP A 441 -8.71 -8.16 -20.14
C TRP A 441 -8.24 -9.58 -19.83
N GLU A 442 -8.63 -10.11 -18.68
CA GLU A 442 -8.28 -11.47 -18.29
C GLU A 442 -8.86 -12.50 -19.26
N GLU A 443 -10.06 -12.24 -19.76
CA GLU A 443 -10.82 -13.25 -20.46
C GLU A 443 -10.08 -13.72 -21.71
N GLY A 444 -9.82 -15.01 -21.80
CA GLY A 444 -9.07 -15.57 -22.91
C GLY A 444 -7.59 -15.28 -22.92
N SER A 445 -7.06 -14.64 -21.87
CA SER A 445 -5.64 -14.33 -21.81
C SER A 445 -4.84 -15.52 -21.32
N PRO A 446 -3.56 -15.61 -21.69
CA PRO A 446 -2.73 -16.74 -21.22
C PRO A 446 -2.38 -16.68 -19.74
N THR A 447 -2.60 -15.56 -19.05
CA THR A 447 -2.27 -15.40 -17.64
C THR A 447 -3.51 -14.98 -16.84
N PRO A 448 -3.76 -15.59 -15.68
CA PRO A 448 -4.88 -15.15 -14.84
C PRO A 448 -4.61 -13.78 -14.25
N VAL A 449 -5.69 -13.05 -13.96
CA VAL A 449 -5.61 -11.72 -13.38
C VAL A 449 -6.18 -11.70 -11.96
N LEU A 450 -7.43 -12.11 -11.81
CA LEU A 450 -8.12 -11.93 -10.54
C LEU A 450 -7.87 -13.10 -9.60
N HIS A 451 -7.59 -12.79 -8.34
CA HIS A 451 -7.41 -13.77 -7.29
C HIS A 451 -8.23 -13.36 -6.07
N VAL A 452 -8.26 -14.22 -5.06
CA VAL A 452 -9.20 -14.05 -3.95
C VAL A 452 -8.99 -12.70 -3.25
N GLY A 453 -7.74 -12.23 -3.18
CA GLY A 453 -7.48 -10.93 -2.58
C GLY A 453 -8.24 -9.80 -3.26
N TRP A 454 -8.34 -9.87 -4.59
CA TRP A 454 -9.12 -8.89 -5.33
C TRP A 454 -10.58 -8.90 -4.91
N ALA A 455 -11.12 -10.09 -4.62
CA ALA A 455 -12.53 -10.19 -4.30
C ALA A 455 -12.84 -9.57 -2.95
N THR A 456 -11.91 -9.67 -2.00
CA THR A 456 -12.12 -9.04 -0.71
C THR A 456 -12.33 -7.53 -0.87
N PHE A 457 -11.49 -6.88 -1.67
CA PHE A 457 -11.62 -5.44 -1.85
C PHE A 457 -12.81 -5.06 -2.71
N LEU A 458 -13.19 -5.91 -3.67
CA LEU A 458 -14.38 -5.62 -4.47
C LEU A 458 -15.61 -5.59 -3.57
N VAL A 459 -15.73 -6.59 -2.69
CA VAL A 459 -16.89 -6.68 -1.79
C VAL A 459 -16.96 -5.46 -0.89
N GLN A 460 -15.81 -5.03 -0.37
CA GLN A 460 -15.74 -3.83 0.46
C GLN A 460 -16.15 -2.59 -0.33
N SER A 461 -15.69 -2.45 -1.57
CA SER A 461 -16.01 -1.28 -2.37
C SER A 461 -17.49 -1.25 -2.75
N LEU A 462 -18.05 -2.40 -3.14
CA LEU A 462 -19.49 -2.46 -3.37
C LEU A 462 -20.27 -2.01 -2.14
N GLY A 463 -19.83 -2.45 -0.95
CA GLY A 463 -20.52 -2.10 0.27
C GLY A 463 -20.54 -0.62 0.57
N ARG A 464 -19.60 0.14 0.02
CA ARG A 464 -19.60 1.59 0.22
C ARG A 464 -20.83 2.25 -0.39
N PHE A 465 -21.49 1.59 -1.34
CA PHE A 465 -22.69 2.10 -1.99
C PHE A 465 -23.91 1.38 -1.42
N GLU A 466 -24.85 2.14 -0.86
CA GLU A 466 -26.04 1.53 -0.30
C GLU A 466 -26.84 0.81 -1.38
N GLY A 467 -27.61 -0.20 -0.94
CA GLY A 467 -28.38 -0.99 -1.88
C GLY A 467 -29.37 -0.19 -2.70
N GLN A 468 -29.96 0.86 -2.12
CA GLN A 468 -30.91 1.66 -2.89
C GLN A 468 -30.22 2.44 -3.99
N VAL A 469 -28.94 2.78 -3.80
CA VAL A 469 -28.16 3.39 -4.86
C VAL A 469 -27.82 2.37 -5.93
N ARG A 470 -27.32 1.20 -5.51
CA ARG A 470 -26.88 0.19 -6.46
C ARG A 470 -28.02 -0.34 -7.30
N GLN A 471 -29.22 -0.45 -6.72
CA GLN A 471 -30.36 -0.95 -7.47
C GLN A 471 -30.86 0.02 -8.53
N LYS A 472 -30.27 1.21 -8.66
CA LYS A 472 -30.68 2.17 -9.68
C LYS A 472 -30.01 1.96 -11.04
N VAL A 473 -28.87 1.27 -11.10
CA VAL A 473 -28.14 1.15 -12.36
C VAL A 473 -28.81 0.11 -13.24
N ARG A 474 -28.67 0.31 -14.55
CA ARG A 474 -29.04 -0.69 -15.56
C ARG A 474 -27.88 -0.68 -16.55
N ILE A 475 -27.03 -1.71 -16.48
CA ILE A 475 -25.74 -1.69 -17.14
C ILE A 475 -25.62 -2.90 -18.05
N THR A 476 -24.92 -2.72 -19.17
CA THR A 476 -24.49 -3.83 -20.01
C THR A 476 -23.01 -4.11 -19.74
N PHE A 477 -22.69 -5.35 -19.42
CA PHE A 477 -21.29 -5.76 -19.23
C PHE A 477 -20.74 -6.40 -20.50
N GLN A 478 -19.43 -6.25 -20.69
CA GLN A 478 -18.73 -6.88 -21.80
C GLN A 478 -18.16 -8.24 -21.43
N SER A 479 -17.67 -8.39 -20.20
CA SER A 479 -16.98 -9.59 -19.79
C SER A 479 -17.97 -10.65 -19.32
N GLU A 480 -17.62 -11.91 -19.59
CA GLU A 480 -18.45 -13.02 -19.16
C GLU A 480 -18.49 -13.10 -17.63
N LYS A 481 -17.38 -12.76 -16.98
CA LYS A 481 -17.30 -12.83 -15.53
C LYS A 481 -18.28 -11.85 -14.88
N MET A 482 -18.32 -10.60 -15.36
CA MET A 482 -19.23 -9.62 -14.78
C MET A 482 -20.68 -9.91 -15.15
N LYS A 483 -20.92 -10.36 -16.39
CA LYS A 483 -22.26 -10.79 -16.78
C LYS A 483 -22.78 -11.84 -15.81
N GLY A 484 -21.95 -12.81 -15.47
CA GLY A 484 -22.24 -13.89 -14.54
C GLY A 484 -22.38 -13.49 -13.09
N MET A 485 -22.17 -12.23 -12.73
CA MET A 485 -22.54 -11.82 -11.38
C MET A 485 -23.25 -10.48 -11.32
N LYS A 486 -23.87 -10.02 -12.41
CA LYS A 486 -24.55 -8.73 -12.40
C LYS A 486 -25.60 -8.69 -11.29
N GLU A 487 -26.37 -9.77 -11.13
CA GLU A 487 -27.43 -9.78 -10.12
C GLU A 487 -26.85 -9.65 -8.71
N LEU A 488 -25.70 -10.28 -8.46
CA LEU A 488 -25.09 -10.23 -7.14
C LEU A 488 -24.60 -8.82 -6.79
N LEU A 489 -24.24 -8.04 -7.80
CA LEU A 489 -23.68 -6.71 -7.58
C LEU A 489 -24.73 -5.70 -7.14
N VAL A 490 -26.00 -5.92 -7.47
CA VAL A 490 -27.05 -4.95 -7.18
C VAL A 490 -28.05 -5.47 -6.17
N ALA A 491 -27.78 -6.62 -5.55
CA ALA A 491 -28.67 -7.14 -4.53
C ALA A 491 -28.55 -6.33 -3.24
N THR A 492 -29.66 -6.25 -2.50
CA THR A 492 -29.68 -5.49 -1.26
C THR A 492 -28.63 -5.99 -0.29
N LYS A 493 -28.54 -7.31 -0.11
CA LYS A 493 -27.46 -7.94 0.63
C LYS A 493 -26.36 -8.33 -0.34
N ILE A 494 -25.12 -8.02 0.01
CA ILE A 494 -23.96 -8.38 -0.81
C ILE A 494 -23.50 -9.76 -0.36
N ASN A 495 -23.63 -10.75 -1.24
CA ASN A 495 -23.20 -12.12 -0.92
C ASN A 495 -21.70 -12.20 -1.16
N SER A 496 -20.92 -12.05 -0.08
CA SER A 496 -19.47 -11.98 -0.21
C SER A 496 -18.90 -13.28 -0.78
N SER A 497 -19.38 -14.43 -0.31
CA SER A 497 -18.79 -15.70 -0.74
C SER A 497 -19.10 -15.97 -2.22
N ALA A 498 -20.30 -15.62 -2.67
CA ALA A 498 -20.65 -15.84 -4.07
C ALA A 498 -19.86 -14.92 -4.98
N ILE A 499 -19.66 -13.67 -4.57
CA ILE A 499 -18.88 -12.74 -5.38
C ILE A 499 -17.42 -13.18 -5.44
N LYS A 500 -16.88 -13.67 -4.32
CA LYS A 500 -15.53 -14.21 -4.31
C LYS A 500 -15.41 -15.39 -5.29
N LEU A 501 -16.36 -16.32 -5.21
CA LEU A 501 -16.38 -17.44 -6.15
C LEU A 501 -16.40 -16.95 -7.59
N GLN A 502 -17.24 -15.97 -7.88
CA GLN A 502 -17.41 -15.56 -9.27
C GLN A 502 -16.20 -14.78 -9.77
N LEU A 503 -15.66 -13.89 -8.94
CA LEU A 503 -14.53 -13.08 -9.39
C LEU A 503 -13.29 -13.94 -9.64
N THR A 504 -13.15 -15.06 -8.95
CA THR A 504 -11.97 -15.92 -9.08
C THR A 504 -12.19 -17.11 -10.00
N ALA A 505 -13.34 -17.21 -10.65
CA ALA A 505 -13.59 -18.28 -11.61
C ALA A 505 -12.53 -18.26 -12.70
N GLN A 506 -12.15 -19.46 -13.17
CA GLN A 506 -11.03 -19.58 -14.10
C GLN A 506 -11.39 -19.00 -15.47
N SER A 507 -10.53 -18.11 -15.98
CA SER A 507 -10.63 -17.46 -17.29
C SER A 507 -11.83 -16.54 -17.48
N GLY B 20 -30.79 5.11 35.90
CA GLY B 20 -30.27 4.09 36.79
C GLY B 20 -28.82 4.33 37.16
N LEU B 21 -28.35 5.55 36.91
CA LEU B 21 -26.98 5.92 37.24
C LEU B 21 -26.84 6.13 38.75
N LYS B 22 -25.87 5.45 39.34
CA LYS B 22 -25.56 5.65 40.75
C LYS B 22 -25.10 7.09 41.00
N THR B 23 -25.44 7.62 42.17
CA THR B 23 -25.03 8.97 42.54
C THR B 23 -23.52 9.17 42.43
N ALA B 24 -22.74 8.13 42.73
CA ALA B 24 -21.28 8.25 42.62
C ALA B 24 -20.84 8.47 41.18
N GLN B 25 -21.58 7.91 40.21
CA GLN B 25 -21.24 8.12 38.81
C GLN B 25 -21.61 9.53 38.36
N LYS B 26 -22.74 10.07 38.86
CA LYS B 26 -23.22 11.38 38.40
C LYS B 26 -22.31 12.52 38.85
N THR B 27 -21.58 12.34 39.95
CA THR B 27 -20.78 13.43 40.50
C THR B 27 -19.68 13.85 39.54
N LEU B 28 -19.21 12.93 38.70
CA LEU B 28 -18.11 13.17 37.79
C LEU B 28 -18.52 13.93 36.54
N PHE B 29 -19.81 14.19 36.35
CA PHE B 29 -20.35 14.92 35.23
C PHE B 29 -20.59 16.37 35.60
N PRO B 30 -20.49 17.31 34.64
CA PRO B 30 -20.23 17.07 33.21
C PRO B 30 -18.76 16.76 32.90
N LEU B 31 -18.53 16.01 31.83
CA LEU B 31 -17.18 15.76 31.32
C LEU B 31 -16.83 16.87 30.33
N ARG B 32 -15.76 17.61 30.64
CA ARG B 32 -15.40 18.80 29.89
C ARG B 32 -14.05 18.67 29.20
N SER B 33 -13.37 17.54 29.35
CA SER B 33 -12.02 17.36 28.82
C SER B 33 -11.70 15.87 28.77
N ILE B 34 -10.61 15.55 28.08
CA ILE B 34 -10.11 14.18 28.07
C ILE B 34 -9.87 13.67 29.48
N ASP B 35 -9.27 14.52 30.33
CA ASP B 35 -8.95 14.10 31.68
C ASP B 35 -10.19 13.81 32.52
N ASP B 36 -11.28 14.55 32.28
CA ASP B 36 -12.54 14.19 32.92
C ASP B 36 -12.96 12.78 32.51
N VAL B 37 -12.75 12.41 31.24
CA VAL B 37 -13.11 11.06 30.78
C VAL B 37 -12.23 10.02 31.46
N VAL B 38 -10.92 10.28 31.52
CA VAL B 38 -10.02 9.35 32.18
C VAL B 38 -10.44 9.14 33.64
N ARG B 39 -10.79 10.23 34.31
CA ARG B 39 -11.22 10.15 35.71
C ARG B 39 -12.47 9.30 35.87
N LEU B 40 -13.42 9.42 34.93
CA LEU B 40 -14.59 8.54 34.96
C LEU B 40 -14.17 7.08 34.79
N PHE B 41 -13.27 6.80 33.85
CA PHE B 41 -12.81 5.43 33.66
C PHE B 41 -12.07 4.91 34.90
N ALA B 42 -11.22 5.76 35.50
CA ALA B 42 -10.55 5.36 36.73
C ALA B 42 -11.56 4.96 37.80
N ALA B 43 -12.59 5.79 38.00
CA ALA B 43 -13.58 5.51 39.03
C ALA B 43 -14.34 4.22 38.74
N GLU B 44 -14.71 3.99 37.46
CA GLU B 44 -15.44 2.77 37.14
C GLU B 44 -14.57 1.54 37.29
N LEU B 45 -13.30 1.63 36.90
CA LEU B 45 -12.40 0.48 37.02
C LEU B 45 -12.07 0.13 38.46
N GLY B 46 -12.29 1.05 39.40
CA GLY B 46 -12.12 0.75 40.80
C GLY B 46 -13.26 0.01 41.42
N ARG B 47 -14.32 -0.24 40.66
CA ARG B 47 -15.48 -0.99 41.12
C ARG B 47 -15.42 -2.42 40.59
N GLU B 48 -16.16 -3.31 41.24
CA GLU B 48 -16.14 -4.71 40.87
C GLU B 48 -16.82 -4.96 39.52
N GLU B 49 -17.73 -4.09 39.12
CA GLU B 49 -18.40 -4.16 37.82
C GLU B 49 -18.39 -2.78 37.19
N PRO B 50 -17.31 -2.40 36.51
CA PRO B 50 -17.34 -1.18 35.71
C PRO B 50 -18.51 -1.23 34.73
N ASP B 51 -19.21 -0.10 34.60
CA ASP B 51 -20.46 -0.05 33.85
C ASP B 51 -20.13 0.08 32.37
N LEU B 52 -20.18 -1.06 31.66
CA LEU B 52 -19.79 -1.10 30.25
C LEU B 52 -20.68 -0.20 29.40
N VAL B 53 -21.97 -0.16 29.70
CA VAL B 53 -22.90 0.66 28.93
C VAL B 53 -22.57 2.13 29.07
N LEU B 54 -22.40 2.60 30.31
CA LEU B 54 -22.08 4.00 30.55
C LEU B 54 -20.78 4.39 29.85
N LEU B 55 -19.75 3.56 29.98
CA LEU B 55 -18.45 3.91 29.43
C LEU B 55 -18.47 3.91 27.91
N SER B 56 -19.13 2.92 27.29
CA SER B 56 -19.21 2.89 25.83
C SER B 56 -20.01 4.06 25.29
N LEU B 57 -21.10 4.43 25.98
CA LEU B 57 -21.89 5.58 25.57
C LEU B 57 -21.06 6.85 25.59
N VAL B 58 -20.22 7.00 26.61
CA VAL B 58 -19.40 8.21 26.70
C VAL B 58 -18.37 8.24 25.59
N LEU B 59 -17.71 7.10 25.33
CA LEU B 59 -16.73 7.07 24.25
C LEU B 59 -17.37 7.28 22.89
N GLY B 60 -18.57 6.72 22.68
CA GLY B 60 -19.22 6.90 21.39
C GLY B 60 -19.73 8.31 21.18
N PHE B 61 -20.22 8.94 22.24
CA PHE B 61 -20.65 10.34 22.16
C PHE B 61 -19.48 11.24 21.82
N VAL B 62 -18.36 11.08 22.53
CA VAL B 62 -17.18 11.91 22.31
C VAL B 62 -16.62 11.68 20.91
N GLU B 63 -16.56 10.42 20.47
CA GLU B 63 -16.02 10.15 19.15
C GLU B 63 -16.92 10.70 18.05
N HIS B 64 -18.23 10.71 18.28
CA HIS B 64 -19.14 11.23 17.26
C HIS B 64 -18.88 12.70 16.98
N PHE B 65 -18.69 13.49 18.03
CA PHE B 65 -18.52 14.93 17.86
C PHE B 65 -17.05 15.33 17.69
N LEU B 66 -16.13 14.37 17.75
CA LEU B 66 -14.74 14.66 17.42
C LEU B 66 -14.30 14.08 16.08
N ALA B 67 -14.97 13.04 15.58
CA ALA B 67 -14.52 12.39 14.35
C ALA B 67 -15.63 12.22 13.32
N VAL B 68 -16.86 11.95 13.76
CA VAL B 68 -17.96 11.77 12.82
C VAL B 68 -18.43 13.12 12.30
N ASN B 69 -18.87 13.98 13.21
CA ASN B 69 -19.28 15.35 12.92
C ASN B 69 -18.16 16.23 13.47
N ARG B 70 -17.16 16.51 12.63
CA ARG B 70 -16.06 17.35 13.08
C ARG B 70 -16.54 18.79 13.11
N VAL B 71 -16.55 19.40 14.30
CA VAL B 71 -17.15 20.71 14.45
C VAL B 71 -16.16 21.82 14.03
N ILE B 72 -14.91 21.69 14.43
CA ILE B 72 -13.85 22.62 14.05
C ILE B 72 -12.91 21.89 13.11
N PRO B 73 -12.56 22.48 11.96
CA PRO B 73 -11.52 21.90 11.13
C PRO B 73 -10.21 21.76 11.90
N THR B 74 -9.44 20.75 11.54
CA THR B 74 -8.15 20.49 12.17
C THR B 74 -7.01 21.25 11.48
N ASN B 75 -7.31 22.01 10.42
CA ASN B 75 -6.26 22.63 9.62
C ASN B 75 -5.50 23.68 10.44
N VAL B 76 -4.19 23.66 10.30
CA VAL B 76 -3.30 24.58 10.99
C VAL B 76 -2.95 25.71 10.02
N PRO B 77 -3.10 26.98 10.41
CA PRO B 77 -2.80 28.07 9.48
C PRO B 77 -1.35 28.04 9.02
N GLU B 78 -1.12 28.58 7.82
CA GLU B 78 0.23 28.76 7.31
C GLU B 78 1.09 29.48 8.34
N LEU B 79 2.18 28.82 8.76
CA LEU B 79 3.07 29.38 9.76
C LEU B 79 3.62 30.74 9.32
N THR B 80 3.12 31.79 9.95
CA THR B 80 3.45 33.17 9.61
C THR B 80 3.55 33.96 10.91
N PHE B 81 4.30 35.05 10.87
CA PHE B 81 4.54 35.88 12.05
C PHE B 81 4.17 37.32 11.75
N GLN B 82 3.80 38.05 12.81
CA GLN B 82 3.37 39.44 12.68
C GLN B 82 3.42 40.07 14.07
N PRO B 83 3.62 41.40 14.16
CA PRO B 83 3.76 42.05 15.47
C PRO B 83 2.62 41.76 16.45
N SER B 84 1.38 41.71 15.97
CA SER B 84 0.21 41.50 16.83
C SER B 84 -0.12 40.01 16.89
N PRO B 85 -1.10 39.58 17.68
CA PRO B 85 -1.46 38.15 17.67
C PRO B 85 -1.98 37.73 16.30
N ALA B 86 -1.80 36.45 15.99
CA ALA B 86 -2.34 35.91 14.77
C ALA B 86 -3.86 35.93 14.81
N PRO B 87 -4.52 36.12 13.66
CA PRO B 87 -5.99 36.23 13.67
C PRO B 87 -6.69 34.96 14.11
N ASP B 88 -6.12 33.79 13.82
CA ASP B 88 -6.61 32.51 14.31
C ASP B 88 -5.50 31.80 15.06
N PRO B 89 -5.84 30.91 15.99
CA PRO B 89 -4.81 30.18 16.75
C PRO B 89 -3.77 29.57 15.84
N PRO B 90 -2.51 30.00 15.96
CA PRO B 90 -1.51 29.68 14.93
C PRO B 90 -1.07 28.23 14.92
N GLY B 91 -1.39 27.44 15.94
CA GLY B 91 -1.11 26.02 15.93
C GLY B 91 -2.33 25.14 15.78
N GLY B 92 -3.49 25.71 15.50
CA GLY B 92 -4.73 24.97 15.49
C GLY B 92 -5.32 24.84 16.89
N LEU B 93 -6.50 24.22 16.93
CA LEU B 93 -7.20 23.93 18.18
C LEU B 93 -7.40 22.44 18.34
N THR B 94 -7.44 22.00 19.60
CA THR B 94 -8.11 20.76 19.98
C THR B 94 -9.34 21.15 20.79
N TYR B 95 -10.38 20.33 20.73
CA TYR B 95 -11.60 20.68 21.44
C TYR B 95 -12.20 19.42 22.08
N PHE B 96 -13.25 19.65 22.86
CA PHE B 96 -13.94 18.55 23.54
C PHE B 96 -15.44 18.79 23.58
N PRO B 97 -16.23 17.83 23.11
CA PRO B 97 -17.69 17.96 23.22
C PRO B 97 -18.19 17.64 24.63
N VAL B 98 -18.57 18.68 25.37
CA VAL B 98 -19.00 18.52 26.75
C VAL B 98 -20.09 17.47 26.83
N ALA B 99 -19.92 16.51 27.75
CA ALA B 99 -20.88 15.43 27.95
C ALA B 99 -21.67 15.73 29.21
N ASP B 100 -22.90 16.22 29.05
CA ASP B 100 -23.75 16.52 30.18
C ASP B 100 -24.38 15.25 30.72
N LEU B 101 -24.65 15.25 32.03
CA LEU B 101 -25.32 14.12 32.64
C LEU B 101 -26.69 13.89 32.00
N SER B 102 -27.41 14.96 31.70
CA SER B 102 -28.74 14.82 31.09
C SER B 102 -28.66 14.09 29.75
N ILE B 103 -27.69 14.47 28.91
CA ILE B 103 -27.52 13.81 27.61
C ILE B 103 -27.17 12.34 27.81
N ILE B 104 -26.11 12.07 28.58
CA ILE B 104 -25.65 10.69 28.75
C ILE B 104 -26.68 9.84 29.49
N ALA B 105 -27.27 10.38 30.57
CA ALA B 105 -28.24 9.61 31.33
C ALA B 105 -29.47 9.28 30.50
N ALA B 106 -29.88 10.19 29.61
CA ALA B 106 -31.02 9.91 28.74
C ALA B 106 -30.73 8.73 27.81
N LEU B 107 -29.55 8.71 27.22
CA LEU B 107 -29.19 7.62 26.33
C LEU B 107 -29.00 6.32 27.11
N TYR B 108 -28.43 6.41 28.31
CA TYR B 108 -28.33 5.25 29.19
C TYR B 108 -29.70 4.69 29.55
N ALA B 109 -30.66 5.57 29.87
CA ALA B 109 -32.01 5.11 30.18
C ALA B 109 -32.66 4.45 28.97
N ARG B 110 -32.45 5.01 27.77
CA ARG B 110 -33.00 4.40 26.56
C ARG B 110 -32.54 2.96 26.38
N PHE B 111 -31.23 2.73 26.45
CA PHE B 111 -30.71 1.38 26.29
C PHE B 111 -31.24 0.43 27.37
N THR B 112 -31.14 0.85 28.64
CA THR B 112 -31.53 -0.04 29.72
C THR B 112 -33.02 -0.35 29.68
N ALA B 113 -33.84 0.66 29.37
CA ALA B 113 -35.27 0.43 29.21
C ALA B 113 -35.54 -0.55 28.08
N GLN B 114 -34.76 -0.47 27.00
CA GLN B 114 -34.98 -1.36 25.86
C GLN B 114 -34.66 -2.80 26.22
N ILE B 115 -33.50 -3.03 26.86
CA ILE B 115 -33.12 -4.40 27.23
C ILE B 115 -34.05 -4.95 28.31
N ARG B 116 -34.26 -4.19 29.38
CA ARG B 116 -35.07 -4.68 30.48
C ARG B 116 -36.50 -4.96 30.04
N GLY B 117 -37.03 -4.17 29.11
CA GLY B 117 -38.39 -4.39 28.64
C GLY B 117 -38.54 -5.58 27.73
N ALA B 118 -37.46 -5.97 27.05
CA ALA B 118 -37.54 -7.07 26.09
C ALA B 118 -37.25 -8.43 26.71
N VAL B 119 -36.52 -8.47 27.81
CA VAL B 119 -36.04 -9.72 28.39
C VAL B 119 -36.67 -9.89 29.77
N ASP B 120 -37.62 -10.81 29.88
CA ASP B 120 -38.23 -11.17 31.15
C ASP B 120 -37.40 -12.27 31.79
N LEU B 121 -36.61 -11.91 32.82
CA LEU B 121 -35.73 -12.88 33.46
C LEU B 121 -36.50 -13.99 34.17
N SER B 122 -37.76 -13.74 34.55
CA SER B 122 -38.52 -14.77 35.26
C SER B 122 -38.85 -15.98 34.40
N LEU B 123 -38.71 -15.87 33.08
CA LEU B 123 -38.92 -16.99 32.16
C LEU B 123 -37.68 -17.83 31.97
N TYR B 124 -36.58 -17.53 32.66
CA TYR B 124 -35.31 -18.24 32.48
C TYR B 124 -34.80 -18.67 33.85
N PRO B 125 -35.10 -19.90 34.26
CA PRO B 125 -34.61 -20.41 35.55
C PRO B 125 -33.10 -20.23 35.71
N ARG B 126 -32.70 -19.08 36.24
CA ARG B 126 -31.28 -18.79 36.45
C ARG B 126 -30.87 -19.37 37.80
N GLU B 127 -30.30 -20.57 37.77
CA GLU B 127 -29.92 -21.29 38.97
C GLU B 127 -28.41 -21.18 39.20
N GLY B 128 -28.02 -20.76 40.39
CA GLY B 128 -26.62 -20.72 40.75
C GLY B 128 -25.79 -19.71 40.01
N GLY B 129 -26.37 -18.57 39.63
CA GLY B 129 -25.63 -17.55 38.93
C GLY B 129 -25.19 -17.93 37.53
N VAL B 130 -25.82 -18.95 36.94
CA VAL B 130 -25.49 -19.40 35.60
C VAL B 130 -26.55 -18.92 34.64
N SER B 131 -26.13 -18.24 33.57
CA SER B 131 -27.02 -17.91 32.48
C SER B 131 -27.17 -19.11 31.56
N SER B 132 -28.41 -19.38 31.17
CA SER B 132 -28.67 -20.45 30.23
C SER B 132 -28.38 -20.00 28.80
N ARG B 133 -28.21 -20.96 27.91
CA ARG B 133 -27.97 -20.63 26.51
C ARG B 133 -29.19 -19.93 25.92
N GLU B 134 -30.40 -20.34 26.32
CA GLU B 134 -31.60 -19.70 25.79
C GLU B 134 -31.70 -18.25 26.28
N LEU B 135 -31.27 -17.99 27.52
CA LEU B 135 -31.21 -16.60 28.00
C LEU B 135 -30.21 -15.79 27.19
N VAL B 136 -29.00 -16.34 27.00
CA VAL B 136 -27.97 -15.61 26.25
C VAL B 136 -28.41 -15.39 24.81
N LYS B 137 -29.01 -16.41 24.17
CA LYS B 137 -29.52 -16.23 22.82
C LYS B 137 -30.66 -15.20 22.77
N LYS B 138 -31.46 -15.13 23.83
CA LYS B 138 -32.55 -14.15 23.85
C LYS B 138 -32.00 -12.73 23.92
N VAL B 139 -31.04 -12.47 24.81
CA VAL B 139 -30.39 -11.16 24.85
C VAL B 139 -29.74 -10.86 23.51
N SER B 140 -29.02 -11.84 22.96
CA SER B 140 -28.42 -11.68 21.64
C SER B 140 -29.45 -11.29 20.59
N ASP B 141 -30.59 -11.99 20.58
CA ASP B 141 -31.62 -11.71 19.58
C ASP B 141 -32.16 -10.29 19.71
N VAL B 142 -32.23 -9.76 20.92
CA VAL B 142 -32.76 -8.42 21.13
C VAL B 142 -31.84 -7.37 20.51
N ILE B 143 -30.52 -7.56 20.64
CA ILE B 143 -29.58 -6.67 19.97
C ILE B 143 -29.65 -6.87 18.46
N TRP B 144 -29.61 -8.14 18.03
CA TRP B 144 -29.52 -8.45 16.61
C TRP B 144 -30.71 -7.89 15.84
N ASN B 145 -31.92 -8.11 16.35
CA ASN B 145 -33.15 -7.70 15.66
C ASN B 145 -33.42 -6.20 15.77
N SER B 146 -32.67 -5.48 16.60
CA SER B 146 -32.82 -4.04 16.71
C SER B 146 -32.01 -3.28 15.69
N LEU B 147 -31.05 -3.93 15.03
CA LEU B 147 -30.18 -3.25 14.09
C LEU B 147 -30.89 -2.95 12.79
N SER B 148 -30.49 -1.85 12.15
CA SER B 148 -30.94 -1.54 10.80
C SER B 148 -30.69 -2.74 9.88
N ARG B 149 -31.57 -2.90 8.90
CA ARG B 149 -31.51 -4.06 8.04
C ARG B 149 -30.56 -3.91 6.86
N SER B 150 -30.16 -2.68 6.53
CA SER B 150 -29.23 -2.44 5.43
C SER B 150 -28.25 -1.36 5.84
N TYR B 151 -26.98 -1.73 6.01
CA TYR B 151 -25.90 -0.77 6.15
C TYR B 151 -24.57 -1.50 5.93
N PHE B 152 -23.55 -0.72 5.60
CA PHE B 152 -22.20 -1.25 5.45
C PHE B 152 -21.62 -1.53 6.84
N LYS B 153 -21.40 -2.80 7.16
CA LYS B 153 -20.98 -3.14 8.51
C LYS B 153 -19.49 -2.90 8.77
N ASP B 154 -18.69 -2.59 7.75
N ASP B 154 -18.70 -2.59 7.74
CA ASP B 154 -17.31 -2.18 8.00
CA ASP B 154 -17.31 -2.18 7.91
C ASP B 154 -17.17 -0.66 7.97
C ASP B 154 -17.16 -0.67 7.96
N ARG B 155 -18.27 0.06 8.13
CA ARG B 155 -18.22 1.49 8.28
C ARG B 155 -17.43 1.88 9.53
N ALA B 156 -16.90 3.09 9.52
CA ALA B 156 -16.18 3.60 10.68
C ALA B 156 -17.15 4.22 11.69
N HIS B 157 -16.74 4.20 12.96
CA HIS B 157 -17.46 4.85 14.05
C HIS B 157 -18.83 4.22 14.33
N ILE B 158 -19.00 2.92 14.06
CA ILE B 158 -20.24 2.27 14.46
C ILE B 158 -19.92 1.13 15.43
N GLN B 159 -19.01 1.38 16.37
CA GLN B 159 -18.59 0.34 17.30
C GLN B 159 -19.23 0.43 18.68
N SER B 160 -19.75 1.59 19.07
CA SER B 160 -20.13 1.86 20.44
C SER B 160 -21.62 1.73 20.66
N LEU B 161 -22.01 1.70 21.94
CA LEU B 161 -23.42 1.75 22.28
C LEU B 161 -24.06 3.08 21.87
N PHE B 162 -23.27 4.15 21.75
CA PHE B 162 -23.83 5.38 21.18
C PHE B 162 -24.35 5.14 19.77
N SER B 163 -23.56 4.43 18.96
CA SER B 163 -23.98 4.10 17.60
C SER B 163 -25.21 3.19 17.60
N PHE B 164 -25.26 2.23 18.52
CA PHE B 164 -26.42 1.34 18.60
C PHE B 164 -27.68 2.11 18.97
N ILE B 165 -27.61 2.99 19.98
CA ILE B 165 -28.80 3.70 20.45
C ILE B 165 -29.27 4.73 19.44
N THR B 166 -28.35 5.51 18.87
CA THR B 166 -28.74 6.63 18.03
C THR B 166 -28.74 6.32 16.54
N GLY B 167 -28.10 5.22 16.12
CA GLY B 167 -28.02 4.91 14.71
C GLY B 167 -28.48 3.51 14.37
N THR B 168 -28.81 2.72 15.39
CA THR B 168 -29.12 1.30 15.27
C THR B 168 -28.17 0.58 14.31
N LYS B 169 -26.89 0.93 14.38
CA LYS B 169 -25.85 0.33 13.56
C LYS B 169 -24.70 -0.12 14.44
N LEU B 170 -24.19 -1.32 14.18
CA LEU B 170 -23.02 -1.84 14.88
C LEU B 170 -22.19 -2.67 13.93
N ASP B 171 -20.87 -2.50 14.00
CA ASP B 171 -19.96 -3.39 13.30
C ASP B 171 -19.96 -4.76 14.01
N SER B 172 -19.23 -5.71 13.44
CA SER B 172 -19.43 -7.11 13.80
C SER B 172 -19.11 -7.36 15.28
N SER B 173 -17.90 -7.00 15.72
CA SER B 173 -17.56 -7.16 17.13
C SER B 173 -18.31 -6.18 18.02
N GLY B 174 -18.78 -5.07 17.47
CA GLY B 174 -19.63 -4.17 18.23
C GLY B 174 -20.92 -4.84 18.68
N VAL B 175 -21.44 -5.76 17.87
CA VAL B 175 -22.63 -6.50 18.26
C VAL B 175 -22.35 -7.35 19.50
N ALA B 176 -21.24 -8.10 19.47
CA ALA B 176 -20.88 -8.95 20.59
C ALA B 176 -20.68 -8.14 21.87
N PHE B 177 -19.99 -7.00 21.76
CA PHE B 177 -19.83 -6.14 22.93
C PHE B 177 -21.17 -5.67 23.45
N ALA B 178 -22.11 -5.33 22.55
CA ALA B 178 -23.42 -4.85 22.97
C ALA B 178 -24.21 -5.94 23.68
N VAL B 179 -24.08 -7.19 23.22
CA VAL B 179 -24.74 -8.30 23.91
C VAL B 179 -24.21 -8.42 25.34
N VAL B 180 -22.88 -8.34 25.49
CA VAL B 180 -22.28 -8.41 26.82
C VAL B 180 -22.72 -7.23 27.68
N GLY B 181 -22.78 -6.04 27.09
CA GLY B 181 -23.25 -4.89 27.85
C GLY B 181 -24.69 -5.03 28.29
N ALA B 182 -25.55 -5.55 27.39
CA ALA B 182 -26.94 -5.79 27.75
C ALA B 182 -27.05 -6.85 28.85
N CYS B 183 -26.22 -7.89 28.78
CA CYS B 183 -26.24 -8.92 29.82
C CYS B 183 -25.82 -8.33 31.17
N GLN B 184 -24.79 -7.49 31.19
CA GLN B 184 -24.43 -6.81 32.43
C GLN B 184 -25.58 -5.95 32.95
N ALA B 185 -26.25 -5.22 32.04
CA ALA B 185 -27.39 -4.41 32.46
C ALA B 185 -28.49 -5.26 33.09
N LEU B 186 -28.63 -6.51 32.65
CA LEU B 186 -29.59 -7.45 33.23
C LEU B 186 -29.07 -8.16 34.47
N GLY B 187 -27.82 -7.92 34.86
CA GLY B 187 -27.26 -8.59 36.01
C GLY B 187 -26.72 -9.98 35.74
N LEU B 188 -26.46 -10.30 34.48
CA LEU B 188 -25.91 -11.62 34.12
C LEU B 188 -24.39 -11.53 34.20
N ARG B 189 -23.89 -11.71 35.43
CA ARG B 189 -22.49 -11.50 35.77
C ARG B 189 -21.56 -12.54 35.18
N ASP B 190 -22.09 -13.65 34.65
CA ASP B 190 -21.28 -14.73 34.12
C ASP B 190 -21.05 -14.63 32.61
N VAL B 191 -21.66 -13.66 31.93
CA VAL B 191 -21.56 -13.54 30.47
C VAL B 191 -20.44 -12.57 30.14
N HIS B 192 -19.51 -13.02 29.29
CA HIS B 192 -18.32 -12.24 29.02
C HIS B 192 -17.98 -12.27 27.55
N LEU B 193 -17.19 -11.28 27.15
CA LEU B 193 -16.72 -11.15 25.77
C LEU B 193 -15.57 -12.10 25.53
N ALA B 194 -15.69 -12.92 24.47
CA ALA B 194 -14.59 -13.76 23.99
C ALA B 194 -14.08 -13.14 22.70
N LEU B 195 -12.75 -12.99 22.60
CA LEU B 195 -12.14 -12.31 21.47
C LEU B 195 -11.02 -13.14 20.89
N SER B 196 -11.06 -13.37 19.58
CA SER B 196 -9.88 -13.84 18.87
C SER B 196 -9.13 -12.61 18.35
N GLU B 197 -8.28 -12.79 17.35
CA GLU B 197 -7.61 -11.65 16.73
C GLU B 197 -8.44 -10.99 15.63
N ASP B 198 -9.58 -11.58 15.26
CA ASP B 198 -10.43 -11.00 14.24
C ASP B 198 -11.93 -11.21 14.47
N HIS B 199 -12.33 -11.93 15.51
CA HIS B 199 -13.74 -12.28 15.68
C HIS B 199 -14.09 -12.22 17.16
N ALA B 200 -15.39 -12.15 17.45
CA ALA B 200 -15.88 -11.98 18.81
C ALA B 200 -17.14 -12.79 19.02
N TRP B 201 -17.27 -13.36 20.22
CA TRP B 201 -18.46 -14.10 20.63
C TRP B 201 -18.60 -13.93 22.15
N VAL B 202 -19.43 -14.74 22.78
CA VAL B 202 -19.55 -14.66 24.24
C VAL B 202 -19.24 -16.01 24.86
N VAL B 203 -18.70 -15.95 26.07
CA VAL B 203 -18.50 -17.09 26.95
C VAL B 203 -19.35 -16.88 28.19
N PHE B 204 -19.84 -17.98 28.75
CA PHE B 204 -20.75 -17.92 29.88
C PHE B 204 -20.75 -19.26 30.56
N GLY B 205 -21.61 -19.39 31.57
CA GLY B 205 -21.70 -20.61 32.33
C GLY B 205 -20.80 -20.61 33.55
N PRO B 206 -20.80 -21.72 34.28
CA PRO B 206 -20.11 -21.72 35.59
C PRO B 206 -18.63 -21.37 35.51
N ASN B 207 -17.88 -22.03 34.63
CA ASN B 207 -16.45 -21.77 34.49
C ASN B 207 -16.11 -20.92 33.27
N GLY B 208 -17.10 -20.22 32.72
CA GLY B 208 -16.88 -19.54 31.45
C GLY B 208 -16.56 -20.50 30.33
N GLU B 209 -17.07 -21.73 30.41
CA GLU B 209 -16.71 -22.79 29.48
C GLU B 209 -17.76 -23.03 28.40
N GLN B 210 -18.92 -22.39 28.49
CA GLN B 210 -19.89 -22.41 27.40
C GLN B 210 -19.63 -21.25 26.45
N THR B 211 -19.88 -21.49 25.16
CA THR B 211 -19.70 -20.46 24.13
C THR B 211 -20.94 -20.38 23.26
N ALA B 212 -21.21 -19.16 22.78
CA ALA B 212 -22.29 -18.92 21.83
C ALA B 212 -21.87 -17.83 20.85
N GLU B 213 -21.99 -18.12 19.57
CA GLU B 213 -21.84 -17.09 18.53
C GLU B 213 -23.01 -16.11 18.63
N VAL B 214 -22.71 -14.81 18.49
CA VAL B 214 -23.76 -13.81 18.59
C VAL B 214 -23.74 -12.80 17.44
N THR B 215 -22.75 -12.88 16.54
CA THR B 215 -22.63 -11.87 15.49
C THR B 215 -22.19 -12.53 14.18
N TRP B 216 -21.99 -11.73 13.14
CA TRP B 216 -21.42 -12.24 11.89
C TRP B 216 -19.99 -12.71 12.12
N HIS B 217 -19.59 -13.80 11.46
CA HIS B 217 -18.22 -14.25 11.60
C HIS B 217 -17.29 -13.67 10.54
N GLY B 218 -17.78 -13.42 9.33
CA GLY B 218 -16.93 -12.96 8.26
C GLY B 218 -17.26 -11.57 7.75
N LYS B 219 -16.71 -11.25 6.56
CA LYS B 219 -16.97 -9.97 5.92
C LYS B 219 -18.33 -9.95 5.22
N GLY B 220 -18.89 -11.11 4.93
CA GLY B 220 -20.20 -11.23 4.32
C GLY B 220 -21.32 -11.12 5.34
N ASN B 221 -22.47 -11.70 4.99
CA ASN B 221 -23.65 -11.63 5.84
C ASN B 221 -24.02 -12.97 6.45
N GLU B 222 -23.08 -13.92 6.46
CA GLU B 222 -23.30 -15.22 7.06
C GLU B 222 -23.12 -15.16 8.57
N ASP B 223 -23.78 -16.07 9.28
CA ASP B 223 -23.62 -16.16 10.73
C ASP B 223 -23.91 -17.58 11.21
N ARG B 224 -23.35 -17.89 12.38
CA ARG B 224 -23.58 -19.16 13.07
C ARG B 224 -24.19 -18.91 14.44
N ARG B 225 -25.03 -17.87 14.54
CA ARG B 225 -25.51 -17.39 15.83
C ARG B 225 -26.24 -18.49 16.59
N GLY B 226 -25.93 -18.60 17.89
CA GLY B 226 -26.48 -19.64 18.72
C GLY B 226 -25.63 -20.88 18.84
N GLN B 227 -24.70 -21.10 17.91
CA GLN B 227 -23.84 -22.27 17.96
C GLN B 227 -22.63 -22.01 18.86
N THR B 228 -22.00 -23.09 19.30
CA THR B 228 -20.72 -22.99 20.00
C THR B 228 -19.62 -22.64 19.01
N VAL B 229 -18.42 -22.44 19.52
CA VAL B 229 -17.24 -22.23 18.68
C VAL B 229 -16.37 -23.49 18.59
N ASN B 230 -16.88 -24.63 19.05
CA ASN B 230 -16.05 -25.82 19.17
C ASN B 230 -15.51 -26.29 17.82
N ALA B 231 -16.34 -26.21 16.77
CA ALA B 231 -15.90 -26.67 15.46
C ALA B 231 -14.75 -25.82 14.94
N GLY B 232 -14.87 -24.49 15.04
CA GLY B 232 -13.79 -23.63 14.59
C GLY B 232 -12.50 -23.84 15.37
N VAL B 233 -12.63 -24.08 16.68
CA VAL B 233 -11.46 -24.43 17.50
C VAL B 233 -10.83 -25.73 17.00
N ALA B 234 -11.65 -26.78 16.83
CA ALA B 234 -11.10 -28.05 16.41
C ALA B 234 -10.57 -28.01 14.98
N GLU B 235 -11.15 -27.18 14.10
CA GLU B 235 -10.72 -27.16 12.71
C GLU B 235 -9.47 -26.32 12.50
N ARG B 236 -8.93 -25.72 13.57
CA ARG B 236 -7.68 -24.96 13.52
C ARG B 236 -7.78 -23.76 12.58
N SER B 237 -8.95 -23.14 12.54
CA SER B 237 -9.13 -21.86 11.87
C SER B 237 -8.52 -20.75 12.72
N TRP B 238 -7.78 -19.84 12.07
CA TRP B 238 -7.14 -18.75 12.79
C TRP B 238 -8.15 -17.92 13.57
N LEU B 239 -9.36 -17.74 13.03
CA LEU B 239 -10.41 -16.98 13.73
C LEU B 239 -10.72 -17.53 15.11
N TYR B 240 -10.34 -18.76 15.43
CA TYR B 240 -10.64 -19.29 16.75
C TYR B 240 -9.39 -19.64 17.55
N LEU B 241 -8.21 -19.41 16.97
CA LEU B 241 -6.93 -19.47 17.69
C LEU B 241 -6.74 -20.81 18.43
N LYS B 242 -7.28 -21.89 17.88
CA LYS B 242 -7.15 -23.24 18.47
C LYS B 242 -7.57 -23.25 19.94
N GLY B 243 -8.52 -22.40 20.31
CA GLY B 243 -8.96 -22.29 21.69
C GLY B 243 -8.13 -21.39 22.56
N SER B 244 -7.03 -20.85 22.05
CA SER B 244 -6.21 -19.89 22.79
C SER B 244 -6.67 -18.46 22.59
N TYR B 245 -7.98 -18.25 22.63
CA TYR B 245 -8.55 -16.92 22.47
C TYR B 245 -8.71 -16.26 23.84
N MET B 246 -9.14 -15.00 23.81
CA MET B 246 -9.16 -14.14 24.97
C MET B 246 -10.54 -14.25 25.64
N ARG B 247 -10.57 -14.71 26.89
CA ARG B 247 -11.80 -14.72 27.67
C ARG B 247 -11.74 -13.54 28.63
N CYS B 248 -12.51 -12.49 28.32
CA CYS B 248 -12.41 -11.22 29.04
C CYS B 248 -13.10 -11.29 30.39
N ASP B 249 -12.51 -10.61 31.38
CA ASP B 249 -13.27 -10.16 32.53
C ASP B 249 -13.80 -8.74 32.22
N ARG B 250 -14.53 -8.15 33.17
CA ARG B 250 -15.12 -6.85 32.91
C ARG B 250 -14.06 -5.79 32.62
N LYS B 251 -12.89 -5.90 33.26
CA LYS B 251 -11.83 -4.91 33.03
C LYS B 251 -11.21 -5.06 31.65
N MET B 252 -11.07 -6.28 31.14
CA MET B 252 -10.63 -6.46 29.77
C MET B 252 -11.69 -6.04 28.78
N GLU B 253 -12.97 -6.13 29.16
CA GLU B 253 -14.01 -5.60 28.29
C GLU B 253 -13.93 -4.08 28.21
N VAL B 254 -13.52 -3.41 29.29
CA VAL B 254 -13.23 -1.99 29.20
C VAL B 254 -12.05 -1.74 28.26
N ALA B 255 -10.99 -2.56 28.37
CA ALA B 255 -9.83 -2.41 27.49
C ALA B 255 -10.21 -2.56 26.02
N PHE B 256 -11.13 -3.48 25.72
CA PHE B 256 -11.55 -3.67 24.33
C PHE B 256 -12.22 -2.42 23.78
N MET B 257 -13.13 -1.82 24.55
CA MET B 257 -13.82 -0.63 24.06
C MET B 257 -12.83 0.53 23.87
N VAL B 258 -11.77 0.56 24.68
CA VAL B 258 -10.74 1.58 24.51
C VAL B 258 -9.96 1.33 23.22
N CYS B 259 -9.57 0.07 22.98
CA CYS B 259 -8.93 -0.27 21.72
C CYS B 259 -9.84 0.01 20.53
N ALA B 260 -11.16 -0.04 20.73
CA ALA B 260 -12.11 0.16 19.65
C ALA B 260 -12.29 1.63 19.28
N ILE B 261 -11.78 2.56 20.08
CA ILE B 261 -11.82 3.97 19.69
C ILE B 261 -11.19 4.13 18.32
N ASN B 262 -11.86 4.86 17.44
CA ASN B 262 -11.37 5.10 16.07
C ASN B 262 -11.13 6.58 15.87
N PRO B 263 -9.87 7.05 15.92
CA PRO B 263 -9.59 8.49 15.81
C PRO B 263 -9.75 9.05 14.41
N SER B 264 -10.01 8.21 13.40
CA SER B 264 -9.98 8.67 12.01
C SER B 264 -11.07 9.70 11.75
N ILE B 265 -10.66 10.90 11.35
CA ILE B 265 -11.59 11.91 10.85
C ILE B 265 -11.82 11.75 9.36
N ASP B 266 -10.74 11.66 8.61
CA ASP B 266 -10.79 11.40 7.17
C ASP B 266 -9.58 10.54 6.81
N LEU B 267 -9.28 10.47 5.51
CA LEU B 267 -8.22 9.57 5.03
C LEU B 267 -6.87 9.94 5.63
N HIS B 268 -6.53 11.22 5.68
CA HIS B 268 -5.20 11.66 6.08
C HIS B 268 -5.20 12.46 7.38
N THR B 269 -6.25 12.35 8.20
CA THR B 269 -6.33 13.13 9.43
C THR B 269 -6.92 12.28 10.54
N ASP B 270 -6.19 12.17 11.64
CA ASP B 270 -6.67 11.55 12.87
C ASP B 270 -6.93 12.63 13.91
N SER B 271 -8.00 12.47 14.68
CA SER B 271 -8.28 13.38 15.79
C SER B 271 -7.22 13.23 16.86
N LEU B 272 -6.45 14.30 17.07
CA LEU B 272 -5.47 14.28 18.16
C LEU B 272 -6.13 14.00 19.50
N GLU B 273 -7.37 14.45 19.68
CA GLU B 273 -8.08 14.28 20.94
C GLU B 273 -8.35 12.80 21.21
N LEU B 274 -8.84 12.08 20.21
CA LEU B 274 -9.19 10.67 20.42
C LEU B 274 -7.93 9.82 20.54
N LEU B 275 -6.87 10.19 19.81
CA LEU B 275 -5.58 9.53 19.99
C LEU B 275 -5.10 9.67 21.41
N GLN B 276 -5.15 10.90 21.95
CA GLN B 276 -4.66 11.12 23.30
C GLN B 276 -5.57 10.46 24.34
N LEU B 277 -6.88 10.47 24.10
CA LEU B 277 -7.80 9.78 25.01
C LEU B 277 -7.53 8.29 25.03
N GLN B 278 -7.37 7.69 23.85
CA GLN B 278 -7.08 6.26 23.77
C GLN B 278 -5.77 5.93 24.48
N GLN B 279 -4.74 6.74 24.25
CA GLN B 279 -3.43 6.49 24.83
C GLN B 279 -3.45 6.63 26.36
N LYS B 280 -4.06 7.70 26.86
CA LYS B 280 -4.16 7.88 28.32
C LYS B 280 -4.99 6.77 28.95
N LEU B 281 -6.06 6.33 28.27
CA LEU B 281 -6.88 5.25 28.82
C LEU B 281 -6.13 3.93 28.82
N LEU B 282 -5.32 3.68 27.78
CA LEU B 282 -4.55 2.44 27.73
C LEU B 282 -3.50 2.41 28.83
N TRP B 283 -2.87 3.56 29.13
CA TRP B 283 -1.91 3.59 30.23
C TRP B 283 -2.59 3.38 31.57
N LEU B 284 -3.81 3.92 31.74
CA LEU B 284 -4.59 3.67 32.94
C LEU B 284 -4.82 2.17 33.14
N LEU B 285 -5.26 1.49 32.07
CA LEU B 285 -5.50 0.06 32.15
C LEU B 285 -4.21 -0.71 32.37
N TYR B 286 -3.13 -0.31 31.69
CA TYR B 286 -1.82 -0.88 31.90
C TYR B 286 -1.42 -0.83 33.38
N ASP B 287 -1.48 0.37 33.98
CA ASP B 287 -1.04 0.54 35.35
C ASP B 287 -1.83 -0.33 36.32
N LEU B 288 -3.10 -0.59 36.00
CA LEU B 288 -3.94 -1.43 36.86
C LEU B 288 -3.81 -2.91 36.55
N GLY B 289 -2.96 -3.28 35.61
CA GLY B 289 -2.73 -4.68 35.29
C GLY B 289 -3.67 -5.29 34.28
N HIS B 290 -4.51 -4.50 33.64
CA HIS B 290 -5.60 -5.05 32.84
C HIS B 290 -5.21 -5.27 31.39
N LEU B 291 -3.99 -4.92 30.99
CA LEU B 291 -3.46 -5.26 29.68
C LEU B 291 -2.52 -6.46 29.71
N GLU B 292 -2.32 -7.09 30.87
N GLU B 292 -2.33 -7.09 30.87
CA GLU B 292 -1.34 -8.17 30.98
CA GLU B 292 -1.35 -8.18 30.99
C GLU B 292 -1.67 -9.34 30.05
C GLU B 292 -1.67 -9.33 30.05
N ARG B 293 -2.95 -9.63 29.87
CA ARG B 293 -3.38 -10.75 29.05
C ARG B 293 -3.99 -10.30 27.73
N TYR B 294 -3.54 -9.15 27.24
CA TYR B 294 -4.14 -8.51 26.07
C TYR B 294 -3.05 -8.06 25.11
N PRO B 295 -2.43 -8.99 24.39
CA PRO B 295 -1.29 -8.63 23.52
C PRO B 295 -1.59 -7.51 22.54
N MET B 296 -2.77 -7.54 21.92
CA MET B 296 -3.11 -6.53 20.89
C MET B 296 -3.17 -5.14 21.49
N ALA B 297 -3.70 -5.02 22.71
CA ALA B 297 -3.75 -3.73 23.38
C ALA B 297 -2.36 -3.21 23.68
N LEU B 298 -1.44 -4.11 24.02
CA LEU B 298 -0.05 -3.72 24.26
C LEU B 298 0.61 -3.24 22.98
N GLY B 299 0.28 -3.88 21.85
CA GLY B 299 0.84 -3.45 20.59
C GLY B 299 0.23 -2.15 20.12
N ASN B 300 -1.07 -1.95 20.40
CA ASN B 300 -1.73 -0.69 20.08
C ASN B 300 -1.13 0.45 20.90
N LEU B 301 -0.85 0.20 22.18
CA LEU B 301 -0.19 1.22 23.02
C LEU B 301 1.21 1.54 22.50
N ALA B 302 1.98 0.52 22.13
CA ALA B 302 3.32 0.74 21.60
C ALA B 302 3.27 1.56 20.31
N ASP B 303 2.32 1.25 19.43
CA ASP B 303 2.13 2.04 18.22
C ASP B 303 1.86 3.50 18.55
N LEU B 304 1.04 3.76 19.57
CA LEU B 304 0.75 5.14 19.95
C LEU B 304 1.98 5.82 20.53
N GLU B 305 2.75 5.11 21.35
CA GLU B 305 3.97 5.67 21.92
C GLU B 305 4.99 6.00 20.83
N GLU B 306 5.00 5.20 19.76
CA GLU B 306 5.88 5.50 18.63
C GLU B 306 5.56 6.87 18.06
N LEU B 307 4.27 7.20 17.96
CA LEU B 307 3.84 8.49 17.41
C LEU B 307 4.11 9.63 18.39
N GLU B 308 3.67 9.45 19.64
CA GLU B 308 3.76 10.49 20.67
C GLU B 308 4.22 9.88 21.97
N PRO B 309 5.53 9.80 22.21
CA PRO B 309 6.03 9.17 23.44
C PRO B 309 5.58 9.92 24.68
N THR B 310 5.25 9.17 25.73
CA THR B 310 4.82 9.72 27.00
C THR B 310 6.02 9.73 27.95
N PRO B 311 6.43 10.88 28.48
CA PRO B 311 7.64 10.92 29.32
C PRO B 311 7.54 9.93 30.48
N GLY B 312 8.66 9.23 30.72
CA GLY B 312 8.74 8.27 31.80
C GLY B 312 8.18 6.90 31.50
N ARG B 313 7.65 6.67 30.31
CA ARG B 313 7.02 5.39 30.00
C ARG B 313 7.96 4.48 29.22
N PRO B 314 7.74 3.17 29.26
CA PRO B 314 8.55 2.27 28.44
C PRO B 314 8.47 2.64 26.97
N ASP B 315 9.57 2.40 26.25
CA ASP B 315 9.58 2.72 24.83
C ASP B 315 8.86 1.62 24.04
N PRO B 316 8.54 1.87 22.76
CA PRO B 316 7.72 0.90 22.02
C PRO B 316 8.29 -0.52 21.97
N LEU B 317 9.61 -0.67 21.82
CA LEU B 317 10.20 -2.00 21.73
C LEU B 317 9.89 -2.83 22.98
N THR B 318 9.98 -2.21 24.15
CA THR B 318 9.65 -2.92 25.38
C THR B 318 8.19 -3.37 25.37
N LEU B 319 7.29 -2.53 24.87
CA LEU B 319 5.89 -2.89 24.85
C LEU B 319 5.60 -3.98 23.82
N TYR B 320 6.18 -3.89 22.61
CA TYR B 320 6.00 -4.95 21.63
C TYR B 320 6.46 -6.29 22.20
N HIS B 321 7.59 -6.29 22.90
CA HIS B 321 8.08 -7.54 23.48
C HIS B 321 7.22 -7.99 24.66
N LYS B 322 6.63 -7.06 25.41
CA LYS B 322 5.68 -7.46 26.44
C LYS B 322 4.46 -8.15 25.82
N GLY B 323 4.02 -7.67 24.65
CA GLY B 323 2.89 -8.31 23.99
C GLY B 323 3.20 -9.71 23.52
N ILE B 324 4.41 -9.92 22.98
CA ILE B 324 4.84 -11.26 22.61
C ILE B 324 4.92 -12.16 23.83
N ALA B 325 5.49 -11.64 24.93
CA ALA B 325 5.61 -12.44 26.15
C ALA B 325 4.24 -12.80 26.71
N SER B 326 3.27 -11.88 26.61
CA SER B 326 1.90 -12.18 27.04
C SER B 326 1.32 -13.34 26.24
N ALA B 327 1.48 -13.30 24.92
CA ALA B 327 0.98 -14.40 24.08
C ALA B 327 1.66 -15.71 24.41
N LYS B 328 2.97 -15.67 24.70
CA LYS B 328 3.67 -16.90 25.09
C LYS B 328 3.24 -17.38 26.46
N THR B 329 2.81 -16.47 27.34
CA THR B 329 2.47 -16.79 28.72
C THR B 329 1.05 -17.31 28.85
N TYR B 330 0.11 -16.66 28.17
CA TYR B 330 -1.31 -16.88 28.38
C TYR B 330 -2.02 -17.60 27.25
N TYR B 331 -1.41 -17.65 26.06
CA TYR B 331 -2.11 -18.09 24.86
C TYR B 331 -1.28 -19.07 24.04
N ARG B 332 -0.39 -19.80 24.71
CA ARG B 332 0.35 -20.91 24.10
C ARG B 332 1.19 -20.49 22.91
N ASP B 333 1.48 -19.18 22.79
CA ASP B 333 2.21 -18.63 21.65
C ASP B 333 1.50 -18.92 20.33
N GLU B 334 0.17 -18.87 20.35
CA GLU B 334 -0.62 -19.21 19.17
C GLU B 334 -1.29 -17.99 18.53
N HIS B 335 -0.80 -16.79 18.86
CA HIS B 335 -1.28 -15.54 18.27
C HIS B 335 -0.34 -15.06 17.18
N ILE B 336 -0.91 -14.43 16.15
CA ILE B 336 -0.16 -13.98 14.99
C ILE B 336 0.33 -12.54 15.16
N TYR B 337 -0.55 -11.65 15.60
CA TYR B 337 -0.27 -10.22 15.57
C TYR B 337 0.88 -9.74 16.46
N PRO B 338 1.21 -10.39 17.59
CA PRO B 338 2.32 -9.87 18.41
C PRO B 338 3.62 -9.74 17.63
N TYR B 339 3.94 -10.71 16.78
CA TYR B 339 5.13 -10.64 15.95
C TYR B 339 4.95 -9.66 14.79
N MET B 340 3.72 -9.51 14.30
CA MET B 340 3.45 -8.57 13.22
C MET B 340 3.60 -7.12 13.69
N TYR B 341 3.18 -6.82 14.92
CA TYR B 341 3.46 -5.50 15.49
C TYR B 341 4.95 -5.21 15.51
N LEU B 342 5.73 -6.17 16.02
CA LEU B 342 7.17 -5.99 16.16
C LEU B 342 7.83 -5.82 14.79
N ALA B 343 7.43 -6.67 13.83
CA ALA B 343 8.00 -6.60 12.49
C ALA B 343 7.75 -5.23 11.85
N GLY B 344 6.54 -4.69 12.02
CA GLY B 344 6.23 -3.39 11.45
C GLY B 344 7.10 -2.28 12.03
N TYR B 345 7.36 -2.33 13.32
CA TYR B 345 8.25 -1.35 13.95
C TYR B 345 9.65 -1.45 13.38
N HIS B 346 10.17 -2.67 13.26
CA HIS B 346 11.49 -2.86 12.67
C HIS B 346 11.49 -2.46 11.20
N CYS B 347 10.38 -2.72 10.50
CA CYS B 347 10.27 -2.32 9.09
C CYS B 347 10.31 -0.81 8.94
N ARG B 348 9.60 -0.08 9.81
CA ARG B 348 9.59 1.38 9.73
C ARG B 348 10.93 2.00 10.09
N ASN B 349 11.79 1.27 10.80
CA ASN B 349 13.12 1.75 11.12
C ASN B 349 14.17 1.13 10.20
N ARG B 350 13.72 0.45 9.14
CA ARG B 350 14.58 -0.13 8.10
C ARG B 350 15.57 -1.13 8.72
N ASN B 351 15.10 -1.86 9.73
CA ASN B 351 15.89 -2.87 10.43
C ASN B 351 15.60 -4.21 9.77
N VAL B 352 16.24 -4.43 8.62
CA VAL B 352 15.81 -5.50 7.72
C VAL B 352 15.91 -6.85 8.40
N ARG B 353 17.04 -7.11 9.06
CA ARG B 353 17.25 -8.41 9.71
C ARG B 353 16.19 -8.67 10.77
N GLU B 354 15.95 -7.70 11.66
CA GLU B 354 15.00 -7.90 12.75
C GLU B 354 13.56 -7.96 12.23
N ALA B 355 13.26 -7.23 11.14
CA ALA B 355 11.94 -7.35 10.53
C ALA B 355 11.72 -8.77 10.01
N LEU B 356 12.68 -9.31 9.27
CA LEU B 356 12.54 -10.65 8.72
C LEU B 356 12.45 -11.70 9.83
N GLN B 357 13.23 -11.53 10.90
CA GLN B 357 13.14 -12.44 12.04
C GLN B 357 11.72 -12.46 12.60
N ALA B 358 11.10 -11.29 12.77
CA ALA B 358 9.76 -11.23 13.34
C ALA B 358 8.74 -11.85 12.39
N TRP B 359 8.87 -11.64 11.08
CA TRP B 359 7.97 -12.29 10.14
C TRP B 359 8.19 -13.79 10.10
N ALA B 360 9.43 -14.25 10.15
CA ALA B 360 9.69 -15.67 10.29
C ALA B 360 9.01 -16.22 11.53
N ASP B 361 9.07 -15.46 12.64
CA ASP B 361 8.38 -15.90 13.86
C ASP B 361 6.87 -15.96 13.66
N THR B 362 6.31 -14.95 12.98
CA THR B 362 4.88 -14.97 12.66
C THR B 362 4.51 -16.27 11.94
N ALA B 363 5.29 -16.61 10.91
CA ALA B 363 4.96 -17.77 10.09
C ALA B 363 5.06 -19.08 10.88
N THR B 364 5.95 -19.17 11.87
CA THR B 364 6.00 -20.39 12.66
C THR B 364 4.77 -20.57 13.54
N VAL B 365 3.98 -19.51 13.75
CA VAL B 365 2.70 -19.67 14.44
C VAL B 365 1.63 -20.12 13.47
N ILE B 366 1.50 -19.42 12.33
CA ILE B 366 0.44 -19.74 11.38
C ILE B 366 0.63 -21.12 10.75
N GLN B 367 1.85 -21.69 10.83
CA GLN B 367 2.09 -22.98 10.20
C GLN B 367 1.18 -24.07 10.78
N ASP B 368 0.78 -23.91 12.04
CA ASP B 368 -0.04 -24.92 12.71
C ASP B 368 -1.53 -24.64 12.61
N TYR B 369 -1.95 -23.73 11.72
CA TYR B 369 -3.34 -23.48 11.43
C TYR B 369 -3.67 -24.06 10.06
N ASN B 370 -4.98 -24.20 9.79
CA ASN B 370 -5.47 -24.64 8.49
C ASN B 370 -6.24 -23.49 7.86
N TYR B 371 -5.77 -23.01 6.71
CA TYR B 371 -6.40 -21.86 6.08
C TYR B 371 -7.83 -22.20 5.67
N CYS B 372 -8.73 -21.24 5.86
CA CYS B 372 -10.07 -21.32 5.32
C CYS B 372 -10.49 -19.93 4.85
N ARG B 373 -11.59 -19.87 4.09
CA ARG B 373 -12.00 -18.61 3.47
C ARG B 373 -12.37 -17.55 4.50
N GLU B 374 -12.63 -17.94 5.74
CA GLU B 374 -12.95 -16.96 6.77
C GLU B 374 -11.71 -16.27 7.35
N ASP B 375 -10.51 -16.64 6.89
CA ASP B 375 -9.27 -16.01 7.31
C ASP B 375 -8.85 -14.86 6.40
N GLU B 376 -9.83 -14.20 5.75
CA GLU B 376 -9.57 -13.09 4.83
C GLU B 376 -8.57 -12.07 5.36
N GLU B 377 -8.73 -11.67 6.63
CA GLU B 377 -7.96 -10.55 7.16
C GLU B 377 -6.47 -10.89 7.27
N ILE B 378 -6.15 -12.07 7.81
CA ILE B 378 -4.75 -12.43 7.96
C ILE B 378 -4.15 -12.89 6.63
N TYR B 379 -4.98 -13.38 5.69
CA TYR B 379 -4.49 -13.59 4.34
C TYR B 379 -3.99 -12.28 3.74
N LYS B 380 -4.76 -11.19 3.91
CA LYS B 380 -4.33 -9.91 3.35
C LYS B 380 -3.03 -9.44 4.00
N GLU B 381 -2.90 -9.61 5.32
CA GLU B 381 -1.67 -9.19 5.97
C GLU B 381 -0.47 -9.98 5.46
N PHE B 382 -0.63 -11.29 5.30
CA PHE B 382 0.48 -12.10 4.80
C PHE B 382 0.78 -11.79 3.35
N PHE B 383 -0.26 -11.60 2.53
CA PHE B 383 -0.05 -11.24 1.13
C PHE B 383 0.73 -9.93 1.01
N GLU B 384 0.37 -8.93 1.82
CA GLU B 384 1.04 -7.65 1.73
C GLU B 384 2.50 -7.74 2.17
N VAL B 385 2.79 -8.56 3.18
CA VAL B 385 4.17 -8.77 3.60
C VAL B 385 4.96 -9.48 2.52
N ALA B 386 4.44 -10.60 2.02
CA ALA B 386 5.17 -11.38 1.04
C ALA B 386 5.39 -10.60 -0.26
N ASN B 387 4.37 -9.87 -0.72
CA ASN B 387 4.36 -9.32 -2.07
C ASN B 387 4.45 -7.81 -2.11
N ASP B 388 4.76 -7.16 -0.99
CA ASP B 388 4.98 -5.72 -1.00
C ASP B 388 6.05 -5.33 0.02
N VAL B 389 5.81 -5.60 1.29
CA VAL B 389 6.69 -5.08 2.33
C VAL B 389 8.07 -5.73 2.24
N ILE B 390 8.13 -7.06 2.20
CA ILE B 390 9.43 -7.74 2.08
C ILE B 390 10.16 -7.37 0.79
N PRO B 391 9.49 -7.36 -0.37
CA PRO B 391 10.18 -6.88 -1.59
C PRO B 391 10.80 -5.49 -1.45
N ASN B 392 10.05 -4.52 -0.90
CA ASN B 392 10.61 -3.18 -0.72
C ASN B 392 11.77 -3.18 0.26
N LEU B 393 11.68 -3.99 1.33
CA LEU B 393 12.78 -4.08 2.29
C LEU B 393 14.04 -4.60 1.63
N LEU B 394 13.94 -5.71 0.91
CA LEU B 394 15.12 -6.30 0.28
C LEU B 394 15.63 -5.44 -0.87
N LYS B 395 14.72 -4.82 -1.63
CA LYS B 395 15.16 -4.01 -2.76
C LYS B 395 16.04 -2.86 -2.30
N GLU B 396 15.68 -2.21 -1.19
CA GLU B 396 16.48 -1.10 -0.69
C GLU B 396 17.77 -1.58 -0.07
N ALA B 397 17.71 -2.67 0.72
CA ALA B 397 18.93 -3.25 1.27
C ALA B 397 19.89 -3.67 0.16
N ALA B 398 19.36 -4.03 -1.01
CA ALA B 398 20.19 -4.38 -2.15
C ALA B 398 20.92 -3.16 -2.71
N SER B 399 20.18 -2.06 -2.92
N SER B 399 20.19 -2.07 -2.93
CA SER B 399 20.80 -0.84 -3.40
CA SER B 399 20.82 -0.85 -3.40
C SER B 399 21.77 -0.27 -2.39
C SER B 399 21.80 -0.30 -2.38
N LEU B 400 21.51 -0.46 -1.09
CA LEU B 400 22.39 0.05 -0.05
C LEU B 400 23.68 -0.77 0.03
N LEU B 401 23.56 -2.10 -0.12
CA LEU B 401 24.73 -2.96 -0.10
C LEU B 401 25.65 -2.67 -1.28
N GLU B 402 25.10 -2.64 -2.49
CA GLU B 402 25.93 -2.45 -3.67
C GLU B 402 26.45 -1.01 -3.78
N ALA B 403 25.86 -0.07 -3.04
CA ALA B 403 26.46 1.25 -2.93
C ALA B 403 27.79 1.21 -2.20
N GLY B 404 27.98 0.21 -1.34
CA GLY B 404 29.27 -0.02 -0.70
C GLY B 404 30.10 -1.03 -1.46
N GLN B 418 29.29 -3.52 5.98
CA GLN B 418 29.17 -4.88 6.46
C GLN B 418 27.97 -5.04 7.39
N GLY B 419 27.51 -6.29 7.54
CA GLY B 419 26.35 -6.58 8.35
C GLY B 419 25.04 -6.57 7.60
N SER B 420 25.07 -6.48 6.26
CA SER B 420 23.85 -6.44 5.48
C SER B 420 23.07 -7.74 5.62
N ALA B 421 21.75 -7.62 5.71
CA ALA B 421 20.88 -8.80 5.74
C ALA B 421 21.10 -9.69 4.53
N LEU B 422 21.45 -9.12 3.38
CA LEU B 422 21.58 -9.90 2.16
C LEU B 422 22.82 -10.79 2.14
N GLN B 423 23.80 -10.53 3.00
CA GLN B 423 24.97 -11.40 3.13
C GLN B 423 24.85 -12.34 4.32
N ASP B 424 23.68 -12.39 4.94
CA ASP B 424 23.47 -13.18 6.15
C ASP B 424 22.65 -14.42 5.81
N PRO B 425 23.24 -15.61 5.82
CA PRO B 425 22.45 -16.83 5.55
C PRO B 425 21.28 -17.01 6.49
N GLU B 426 21.35 -16.46 7.70
CA GLU B 426 20.21 -16.57 8.61
C GLU B 426 19.06 -15.67 8.19
N CYS B 427 19.36 -14.56 7.51
CA CYS B 427 18.26 -13.77 6.95
C CYS B 427 17.60 -14.48 5.78
N PHE B 428 18.40 -15.16 4.95
CA PHE B 428 17.81 -16.01 3.93
C PHE B 428 16.96 -17.10 4.57
N ALA B 429 17.41 -17.64 5.71
CA ALA B 429 16.63 -18.62 6.44
C ALA B 429 15.29 -18.06 6.89
N HIS B 430 15.29 -16.81 7.40
CA HIS B 430 14.05 -16.14 7.78
C HIS B 430 13.06 -16.09 6.62
N LEU B 431 13.54 -15.65 5.45
CA LEU B 431 12.69 -15.57 4.27
C LEU B 431 12.06 -16.92 3.95
N LEU B 432 12.87 -17.98 3.98
CA LEU B 432 12.37 -19.31 3.64
C LEU B 432 11.42 -19.84 4.71
N ARG B 433 11.73 -19.55 5.99
CA ARG B 433 10.85 -19.94 7.08
C ARG B 433 9.49 -19.28 6.95
N PHE B 434 9.48 -18.00 6.56
CA PHE B 434 8.23 -17.30 6.30
C PHE B 434 7.39 -18.04 5.26
N TYR B 435 8.01 -18.42 4.15
CA TYR B 435 7.25 -19.12 3.12
C TYR B 435 6.86 -20.53 3.57
N ASP B 436 7.71 -21.19 4.36
CA ASP B 436 7.38 -22.51 4.88
C ASP B 436 6.10 -22.48 5.72
N GLY B 437 5.93 -21.46 6.56
CA GLY B 437 4.74 -21.37 7.37
C GLY B 437 3.48 -21.16 6.54
N ILE B 438 3.56 -20.29 5.54
CA ILE B 438 2.42 -20.05 4.67
C ILE B 438 2.07 -21.32 3.89
N CYS B 439 3.08 -22.05 3.43
CA CYS B 439 2.83 -23.31 2.76
C CYS B 439 2.18 -24.32 3.70
N LYS B 440 2.69 -24.42 4.92
CA LYS B 440 2.12 -25.37 5.87
C LYS B 440 0.70 -24.97 6.27
N TRP B 441 0.45 -23.66 6.38
CA TRP B 441 -0.89 -23.14 6.64
C TRP B 441 -1.88 -23.63 5.58
N GLU B 442 -1.46 -23.62 4.31
CA GLU B 442 -2.33 -23.99 3.21
C GLU B 442 -2.64 -25.49 3.19
N GLU B 443 -1.78 -26.31 3.78
CA GLU B 443 -2.02 -27.73 3.87
C GLU B 443 -3.28 -28.02 4.67
N GLY B 444 -4.13 -28.90 4.14
CA GLY B 444 -5.39 -29.20 4.79
C GLY B 444 -6.43 -28.14 4.56
N SER B 445 -6.56 -27.65 3.32
CA SER B 445 -7.49 -26.59 3.01
C SER B 445 -8.13 -26.89 1.66
N PRO B 446 -9.45 -26.80 1.56
CA PRO B 446 -10.11 -26.99 0.26
C PRO B 446 -9.77 -25.90 -0.74
N THR B 447 -9.13 -24.82 -0.31
CA THR B 447 -8.91 -23.62 -1.10
C THR B 447 -7.45 -23.21 -1.04
N PRO B 448 -6.90 -22.72 -2.16
CA PRO B 448 -5.46 -22.43 -2.20
C PRO B 448 -5.12 -21.08 -1.57
N VAL B 449 -3.97 -21.04 -0.91
CA VAL B 449 -3.39 -19.78 -0.47
C VAL B 449 -2.46 -19.21 -1.53
N LEU B 450 -1.53 -20.02 -2.00
CA LEU B 450 -0.52 -19.56 -2.94
C LEU B 450 -1.03 -19.65 -4.37
N HIS B 451 -0.80 -18.59 -5.14
CA HIS B 451 -1.15 -18.56 -6.55
C HIS B 451 -0.03 -17.86 -7.31
N VAL B 452 -0.18 -17.82 -8.64
CA VAL B 452 0.92 -17.43 -9.51
C VAL B 452 1.40 -16.01 -9.21
N GLY B 453 0.51 -15.15 -8.72
CA GLY B 453 0.91 -13.79 -8.35
C GLY B 453 1.86 -13.74 -7.17
N TRP B 454 1.93 -14.81 -6.37
CA TRP B 454 2.94 -14.91 -5.32
C TRP B 454 4.30 -15.30 -5.86
N ALA B 455 4.33 -16.03 -6.98
CA ALA B 455 5.57 -16.64 -7.43
C ALA B 455 6.58 -15.62 -7.90
N THR B 456 6.14 -14.58 -8.61
CA THR B 456 7.07 -13.59 -9.12
C THR B 456 7.84 -12.93 -7.99
N PHE B 457 7.17 -12.68 -6.86
CA PHE B 457 7.82 -12.00 -5.75
C PHE B 457 8.73 -12.93 -4.97
N LEU B 458 8.36 -14.20 -4.81
CA LEU B 458 9.26 -15.16 -4.19
C LEU B 458 10.56 -15.26 -4.98
N VAL B 459 10.46 -15.42 -6.30
CA VAL B 459 11.64 -15.58 -7.15
C VAL B 459 12.54 -14.35 -7.03
N GLN B 460 11.94 -13.16 -7.08
CA GLN B 460 12.74 -11.94 -7.00
C GLN B 460 13.40 -11.81 -5.63
N SER B 461 12.66 -12.11 -4.55
CA SER B 461 13.25 -12.04 -3.21
C SER B 461 14.38 -13.04 -3.06
N LEU B 462 14.21 -14.28 -3.55
CA LEU B 462 15.29 -15.24 -3.53
C LEU B 462 16.54 -14.67 -4.18
N GLY B 463 16.38 -14.06 -5.36
CA GLY B 463 17.49 -13.52 -6.13
C GLY B 463 18.24 -12.40 -5.43
N ARG B 464 17.70 -11.83 -4.36
CA ARG B 464 18.42 -10.83 -3.60
C ARG B 464 19.60 -11.39 -2.83
N PHE B 465 19.70 -12.71 -2.69
CA PHE B 465 20.78 -13.35 -1.95
C PHE B 465 21.65 -14.13 -2.93
N GLU B 466 22.96 -13.83 -2.90
CA GLU B 466 23.91 -14.56 -3.74
C GLU B 466 23.86 -16.05 -3.44
N GLY B 467 24.16 -16.85 -4.48
CA GLY B 467 24.14 -18.30 -4.31
C GLY B 467 25.00 -18.78 -3.17
N GLN B 468 26.21 -18.22 -3.04
CA GLN B 468 27.11 -18.65 -1.97
C GLN B 468 26.50 -18.38 -0.59
N VAL B 469 25.65 -17.36 -0.47
CA VAL B 469 24.95 -17.11 0.78
C VAL B 469 23.81 -18.09 0.99
N ARG B 470 22.98 -18.26 -0.04
CA ARG B 470 21.83 -19.17 0.06
C ARG B 470 22.27 -20.59 0.40
N GLN B 471 23.42 -21.02 -0.11
CA GLN B 471 23.85 -22.40 0.08
C GLN B 471 24.39 -22.68 1.48
N LYS B 472 24.61 -21.63 2.28
CA LYS B 472 24.94 -21.82 3.69
C LYS B 472 23.71 -21.86 4.58
N VAL B 473 22.51 -21.82 4.01
CA VAL B 473 21.31 -21.83 4.85
C VAL B 473 21.19 -23.18 5.55
N ARG B 474 20.86 -23.13 6.84
CA ARG B 474 20.66 -24.35 7.61
C ARG B 474 19.20 -24.35 8.04
N ILE B 475 18.38 -25.11 7.34
CA ILE B 475 16.94 -25.06 7.56
C ILE B 475 16.35 -26.43 7.32
N THR B 476 15.36 -26.78 8.14
CA THR B 476 14.53 -27.96 7.97
C THR B 476 13.10 -27.49 7.76
N PHE B 477 12.54 -27.78 6.59
CA PHE B 477 11.20 -27.33 6.26
C PHE B 477 10.14 -28.23 6.91
N GLN B 478 9.00 -27.63 7.22
CA GLN B 478 7.86 -28.38 7.75
C GLN B 478 6.79 -28.64 6.71
N SER B 479 6.70 -27.79 5.68
CA SER B 479 5.69 -27.97 4.64
C SER B 479 6.22 -28.87 3.53
N GLU B 480 5.30 -29.61 2.90
N GLU B 480 5.30 -29.60 2.89
CA GLU B 480 5.69 -30.47 1.79
CA GLU B 480 5.67 -30.48 1.79
C GLU B 480 6.19 -29.67 0.60
C GLU B 480 6.17 -29.68 0.60
N LYS B 481 5.57 -28.51 0.35
CA LYS B 481 5.95 -27.70 -0.81
C LYS B 481 7.38 -27.21 -0.71
N MET B 482 7.77 -26.65 0.44
CA MET B 482 9.13 -26.12 0.53
C MET B 482 10.18 -27.23 0.54
N LYS B 483 9.89 -28.35 1.21
CA LYS B 483 10.75 -29.53 1.07
C LYS B 483 10.88 -29.92 -0.39
N GLY B 484 9.75 -29.95 -1.11
CA GLY B 484 9.78 -30.37 -2.50
C GLY B 484 10.69 -29.54 -3.39
N MET B 485 10.89 -28.26 -3.05
CA MET B 485 11.65 -27.36 -3.90
C MET B 485 12.91 -26.82 -3.22
N LYS B 486 13.35 -27.46 -2.12
CA LYS B 486 14.50 -26.96 -1.37
C LYS B 486 15.74 -26.80 -2.23
N GLU B 487 16.04 -27.81 -3.07
CA GLU B 487 17.24 -27.74 -3.91
C GLU B 487 17.15 -26.62 -4.94
N LEU B 488 15.94 -26.33 -5.44
CA LEU B 488 15.78 -25.20 -6.35
C LEU B 488 16.05 -23.88 -5.64
N LEU B 489 15.71 -23.80 -4.35
CA LEU B 489 15.82 -22.53 -3.63
C LEU B 489 17.27 -22.14 -3.37
N VAL B 490 18.18 -23.10 -3.29
CA VAL B 490 19.58 -22.81 -2.98
C VAL B 490 20.49 -22.99 -4.19
N ALA B 491 19.95 -23.38 -5.34
CA ALA B 491 20.79 -23.55 -6.52
C ALA B 491 21.35 -22.21 -6.99
N THR B 492 22.57 -22.25 -7.53
CA THR B 492 23.23 -21.04 -8.01
C THR B 492 22.35 -20.28 -8.99
N LYS B 493 21.86 -20.97 -10.04
CA LYS B 493 20.92 -20.38 -10.97
C LYS B 493 19.50 -20.67 -10.52
N ILE B 494 18.69 -19.62 -10.39
CA ILE B 494 17.34 -19.75 -9.85
C ILE B 494 16.38 -20.08 -10.97
N ASN B 495 15.75 -21.24 -10.87
CA ASN B 495 14.84 -21.76 -11.90
C ASN B 495 13.44 -21.21 -11.58
N SER B 496 13.12 -20.08 -12.20
CA SER B 496 11.86 -19.39 -11.90
C SER B 496 10.65 -20.27 -12.24
N SER B 497 10.66 -20.88 -13.42
CA SER B 497 9.50 -21.66 -13.85
C SER B 497 9.27 -22.88 -12.96
N ALA B 498 10.35 -23.56 -12.56
CA ALA B 498 10.19 -24.72 -11.69
C ALA B 498 9.72 -24.31 -10.30
N ILE B 499 10.24 -23.21 -9.78
CA ILE B 499 9.80 -22.73 -8.47
C ILE B 499 8.34 -22.33 -8.51
N LYS B 500 7.92 -21.64 -9.57
CA LYS B 500 6.54 -21.20 -9.69
C LYS B 500 5.58 -22.39 -9.77
N LEU B 501 5.99 -23.46 -10.47
CA LEU B 501 5.15 -24.65 -10.56
C LEU B 501 5.00 -25.32 -9.20
N GLN B 502 6.12 -25.54 -8.50
CA GLN B 502 6.08 -26.13 -7.17
C GLN B 502 5.21 -25.32 -6.22
N LEU B 503 5.42 -24.00 -6.20
CA LEU B 503 4.75 -23.15 -5.21
C LEU B 503 3.24 -23.14 -5.40
N THR B 504 2.76 -23.28 -6.63
CA THR B 504 1.35 -23.12 -6.93
C THR B 504 0.62 -24.43 -7.16
N ALA B 505 1.28 -25.57 -6.95
CA ALA B 505 0.63 -26.87 -7.09
C ALA B 505 -0.48 -27.02 -6.06
N GLN B 506 -1.42 -27.91 -6.35
CA GLN B 506 -2.59 -28.07 -5.49
C GLN B 506 -2.29 -28.94 -4.27
N6 A1AVG C . 9.07 7.78 -20.53
C18 A1AVG C . 10.36 3.17 -18.82
N5 A1AVG C . 9.04 6.46 -20.29
C14 A1AVG C . 3.60 6.11 -15.09
C12 A1AVG C . 5.21 6.52 -13.30
C17 A1AVG C . 9.28 3.73 -19.55
C15 A1AVG C . 4.66 5.28 -15.83
C11 A1AVG C . 6.29 5.77 -14.10
C10 A1AVG C . 6.36 7.16 -16.35
C8 A1AVG C . 7.17 5.22 -16.49
C22 A1AVG C . 9.01 3.32 -20.87
N2 A1AVG C . 8.15 8.25 -18.38
C1 A1AVG C . 8.63 8.62 -19.57
C4 A1AVG C . 8.57 6.03 -19.11
C19 A1AVG C . 11.18 2.19 -19.43
C20 A1AVG C . 10.90 1.79 -20.75
C21 A1AVG C . 9.82 2.35 -21.48
C3 A1AVG C . 8.10 6.92 -18.12
C24 A1AVG C . 10.59 3.64 -17.43
C27 A1AVG C . 11.27 5.55 -15.95
C28 A1AVG C . 12.72 5.13 -15.58
C30 A1AVG C . 13.29 5.41 -17.94
C31 A1AVG C . 11.80 5.73 -18.20
C32 A1AVG C . 11.55 7.18 -17.73
C33 A1AVG C . 11.24 7.06 -16.24
C34 A1AVG C . 2.80 6.74 -12.82
C35 A1AVG C . 1.34 6.39 -13.16
C36 A1AVG C . 1.01 4.93 -12.86
C37 A1AVG C . 0.29 7.44 -12.91
C38 A1AVG C . 0.65 7.06 -14.33
C9 A1AVG C . 6.07 5.83 -15.62
F23 A1AVG C . 11.67 0.85 -21.32
N13 A1AVG C . 3.84 6.04 -13.62
N25 A1AVG C . 11.07 4.90 -17.24
N7 A1AVG C . 7.60 6.57 -16.82
O16 A1AVG C . 8.52 4.67 -18.89
O26 A1AVG C . 10.12 2.98 -16.51
O29 A1AVG C . 13.64 5.64 -16.57
N6 A1AVG D . -8.38 -5.71 20.41
C18 A1AVG D . -11.18 -6.79 16.35
N5 A1AVG D . -8.86 -6.37 19.35
C14 A1AVG D . -3.31 -5.61 14.38
C12 A1AVG D . -4.18 -3.44 13.59
C17 A1AVG D . -10.12 -7.44 17.02
C15 A1AVG D . -4.75 -6.10 14.54
C11 A1AVG D . -5.62 -3.94 13.84
C10 A1AVG D . -5.45 -4.46 16.41
C8 A1AVG D . -7.09 -5.41 15.42
C22 A1AVG D . -10.30 -8.71 17.60
N2 A1AVG D . -6.91 -4.46 19.00
C1 A1AVG D . -7.43 -4.78 20.20
C4 A1AVG D . -8.40 -6.09 18.12
C19 A1AVG D . -12.45 -7.42 16.26
C20 A1AVG D . -12.64 -8.68 16.85
C21 A1AVG D . -11.57 -9.32 17.51
C3 A1AVG D . -7.38 -5.13 17.93
C24 A1AVG D . -10.94 -5.45 15.73
C27 A1AVG D . -10.46 -3.04 16.07
C28 A1AVG D . -11.85 -2.42 15.82
C30 A1AVG D . -12.62 -3.58 17.82
C31 A1AVG D . -11.21 -4.22 17.91
C32 A1AVG D . -10.25 -3.16 18.50
C33 A1AVG D . -9.81 -2.34 17.28
C34 A1AVG D . -1.88 -4.11 13.06
C35 A1AVG D . -0.87 -5.20 12.72
C36 A1AVG D . -1.27 -6.00 11.49
C37 A1AVG D . 0.60 -4.88 12.94
C38 A1AVG D . -0.10 -5.90 13.83
C9 A1AVG D . -5.69 -4.97 14.98
F23 A1AVG D . -13.85 -9.28 16.78
N13 A1AVG D . -3.26 -4.58 13.32
N25 A1AVG D . -10.76 -4.39 16.52
N7 A1AVG D . -6.85 -4.73 16.66
O16 A1AVG D . -8.91 -6.79 17.04
O26 A1AVG D . -10.82 -5.39 14.50
O29 A1AVG D . -12.59 -2.37 17.04
#